data_8OWA
#
_entry.id   8OWA
#
_cell.length_a   71.310
_cell.length_b   71.310
_cell.length_c   586.810
_cell.angle_alpha   90.000
_cell.angle_beta   90.000
_cell.angle_gamma   90.000
#
_symmetry.space_group_name_H-M   'P 41 21 2'
#
loop_
_entity.id
_entity.type
_entity.pdbx_description
1 polymer 'Sarcoplasmic/endoplasmic reticulum calcium ATPase 1'
2 non-polymer 'ACETYL GROUP'
3 non-polymer '[(3S,3aR,4S,6S,6aR,7S,8S,9bS)-6-acetyloxy-3,6,9-trimethyl-8-[(Z)-2-methylbut-2-enoyl]oxy-3,3a-bis(oxidanyl)-2-oxidanylidene-4-[4-[4-[(E)-phenyldiazenyl]phenyl]butanoyloxy]-4,5,6a,7,8,9b-hexahydroazuleno[4,5-b]furan-7-yl] octanoate'
4 non-polymer 'SODIUM ION'
#
_entity_poly.entity_id   1
_entity_poly.type   'polypeptide(L)'
_entity_poly.pdbx_seq_one_letter_code
;MEAAHSKSTEECLAYFGVSETTGLTPDQVKRHLEKYGHNELPAEEGKSLWELVIEQFEDLLVRILLLAACISFVLAWFEE
GEETITAFVEPFVILLILIANAIVGVWQERNAENAIEALKEYEPEMGKVYRADRKSVQRIKARDIVPGDIVEVAVGDKVP
ADIRILSIKSTTLRVDQSILTGESVSVIKHTEPVPDPRAVNQDKKNMLFSGTNIAAGKALGIVATTGVSTEIGKIRDQMA
ATEQDKTPLQQKLDEFGEQLSKVISLICVAVWLINIGHFNDPVHGGSWIRGAIYYFKIAVALAVAAIPEGLPAVITTCLA
LGTRRMAKKNAIVRSLPSVETLGCTSVICSDKTGTLTTNQMSVCKMFIIDKVDGDFCSLNEFSITGSTYAPEGEVLKNDK
PIRSGQFDGLVELATICALCNDSSLDFNETKGVYEKVGEATETALTTLVEKMNVFNTEVRNLSKVERANACNSVIRQLMK
KEFTLEFSRDRKSMSVYCSPAKSSRAAVGNKMFVKGAPEGVIDRCNYVRVGTTRVPMTGPVKEKILSVIKEWGTGRDTLR
CLALATRDTPPKREEMVLDDSSRFMEYETDLTFVGVVGMLDPPRKEVMGSIQLCRDAGIRVIMITGDNKGTAIAICRRIG
IFGENEEVADRAYTGREFDDLPLAEQREACRRACCFARVEPSHKSKIVEYLQSYDEITAMTGDGVNDAPALKKAEIGIAM
GSGTAVAKTASEMVLADDNFSTIVAAVEEGRAIYNNMKQFIRYLISSNVGEVVCIFLTAALGLPEALIPVQLLWVNLVTD
GLPATALGFNPPDLDIMDRPPRSPKEPLISGWLFFRYMAIGGYVGAATVGAAAWWFMYAEDGPGVTYHQLTHFMQCTEDH
PHFEGLDCEIFEAPEPMTMALSVLVTIEMCNALNSLSENQSLMRMPPWVNIWLLGSICLSMSLHFLILYVDPLPMIFKLK
ALDLTQWLMVLKISLPVIGLDEILKFIARNY
;
_entity_poly.pdbx_strand_id   A
#
# COMPACT_ATOMS: atom_id res chain seq x y z
N MET A 1 33.84 -0.51 -9.18
CA MET A 1 34.42 -1.34 -8.15
C MET A 1 33.39 -1.69 -7.08
N GLU A 2 32.80 -2.88 -7.20
CA GLU A 2 31.68 -3.23 -6.33
C GLU A 2 32.13 -3.51 -4.90
N ALA A 3 33.28 -4.18 -4.74
CA ALA A 3 33.77 -4.59 -3.43
C ALA A 3 34.75 -3.59 -2.83
N ALA A 4 34.56 -2.30 -3.09
CA ALA A 4 35.50 -1.29 -2.60
C ALA A 4 35.55 -1.24 -1.08
N HIS A 5 34.45 -1.61 -0.42
CA HIS A 5 34.42 -1.59 1.05
C HIS A 5 35.42 -2.58 1.65
N SER A 6 35.66 -3.70 0.97
CA SER A 6 36.55 -4.74 1.47
C SER A 6 37.99 -4.57 0.99
N LYS A 7 38.26 -3.58 0.14
CA LYS A 7 39.60 -3.31 -0.36
C LYS A 7 40.25 -2.19 0.45
N SER A 8 41.57 -2.22 0.50
CA SER A 8 42.33 -1.15 1.15
C SER A 8 42.20 0.14 0.34
N THR A 9 42.48 1.27 1.01
CA THR A 9 42.48 2.54 0.30
C THR A 9 43.54 2.57 -0.78
N GLU A 10 44.66 1.89 -0.57
CA GLU A 10 45.67 1.78 -1.62
C GLU A 10 45.22 0.86 -2.74
N GLU A 11 44.47 -0.20 -2.41
CA GLU A 11 44.00 -1.12 -3.43
C GLU A 11 43.01 -0.46 -4.39
N CYS A 12 42.16 0.43 -3.88
CA CYS A 12 41.19 1.11 -4.74
C CYS A 12 41.88 2.10 -5.67
N LEU A 13 42.86 2.85 -5.16
CA LEU A 13 43.62 3.76 -6.01
C LEU A 13 44.42 3.02 -7.06
N ALA A 14 44.94 1.84 -6.72
CA ALA A 14 45.71 1.06 -7.68
C ALA A 14 44.82 0.45 -8.75
N TYR A 15 43.58 0.11 -8.41
CA TYR A 15 42.67 -0.49 -9.38
C TYR A 15 42.41 0.48 -10.54
N PHE A 16 42.04 1.72 -10.21
CA PHE A 16 41.78 2.72 -11.25
C PHE A 16 43.06 3.37 -11.77
N GLY A 17 44.17 3.23 -11.05
CA GLY A 17 45.40 3.89 -11.43
C GLY A 17 45.27 5.41 -11.37
N VAL A 18 44.93 5.92 -10.20
CA VAL A 18 44.72 7.36 -9.99
C VAL A 18 45.45 7.76 -8.73
N SER A 19 46.12 8.91 -8.78
CA SER A 19 46.85 9.45 -7.64
C SER A 19 45.90 10.26 -6.76
N GLU A 20 45.99 10.04 -5.45
CA GLU A 20 45.11 10.74 -4.52
C GLU A 20 45.38 12.24 -4.51
N THR A 21 46.62 12.64 -4.77
CA THR A 21 46.96 14.07 -4.74
C THR A 21 46.74 14.76 -6.08
N THR A 22 46.87 14.03 -7.19
CA THR A 22 46.73 14.64 -8.50
C THR A 22 45.31 14.52 -9.05
N GLY A 23 44.76 13.31 -9.00
CA GLY A 23 43.43 13.05 -9.52
C GLY A 23 43.48 12.43 -10.90
N LEU A 24 42.30 12.30 -11.49
CA LEU A 24 42.17 11.73 -12.82
C LEU A 24 42.60 12.75 -13.87
N THR A 25 43.43 12.32 -14.80
CA THR A 25 43.87 13.17 -15.89
C THR A 25 42.73 13.39 -16.87
N PRO A 26 42.83 14.42 -17.73
CA PRO A 26 41.78 14.61 -18.75
C PRO A 26 41.58 13.40 -19.64
N ASP A 27 42.61 12.58 -19.85
CA ASP A 27 42.44 11.36 -20.64
C ASP A 27 41.69 10.30 -19.87
N GLN A 28 41.99 10.14 -18.59
CA GLN A 28 41.30 9.15 -17.77
C GLN A 28 39.82 9.46 -17.62
N VAL A 29 39.46 10.75 -17.59
CA VAL A 29 38.05 11.11 -17.42
C VAL A 29 37.24 10.71 -18.64
N LYS A 30 37.67 11.15 -19.83
CA LYS A 30 36.96 10.80 -21.05
C LYS A 30 37.03 9.31 -21.37
N ARG A 31 38.05 8.61 -20.88
CA ARG A 31 38.15 7.17 -21.09
C ARG A 31 37.29 6.39 -20.09
N HIS A 32 37.17 6.89 -18.86
CA HIS A 32 36.26 6.25 -17.90
C HIS A 32 34.81 6.56 -18.21
N LEU A 33 34.54 7.71 -18.84
CA LEU A 33 33.17 8.09 -19.18
C LEU A 33 32.59 7.19 -20.26
N GLU A 34 33.42 6.77 -21.23
CA GLU A 34 32.97 5.89 -22.29
C GLU A 34 32.81 4.44 -21.84
N LYS A 35 33.35 4.08 -20.67
CA LYS A 35 33.26 2.73 -20.16
C LYS A 35 32.15 2.56 -19.11
N TYR A 36 31.99 3.53 -18.22
CA TYR A 36 31.00 3.45 -17.15
C TYR A 36 29.80 4.36 -17.37
N GLY A 37 29.80 5.16 -18.43
CA GLY A 37 28.73 6.09 -18.69
C GLY A 37 28.72 7.26 -17.72
N HIS A 38 27.58 7.94 -17.69
CA HIS A 38 27.40 9.10 -16.82
C HIS A 38 26.80 8.69 -15.48
N ASN A 39 27.03 9.54 -14.48
CA ASN A 39 26.58 9.28 -13.11
C ASN A 39 25.15 9.81 -12.98
N GLU A 40 24.20 9.01 -13.46
CA GLU A 40 22.79 9.39 -13.41
C GLU A 40 21.94 8.16 -13.68
N LEU A 41 20.79 8.10 -13.01
CA LEU A 41 19.81 7.06 -13.28
C LEU A 41 19.15 7.32 -14.64
N PRO A 42 18.74 6.25 -15.33
CA PRO A 42 18.10 6.44 -16.63
C PRO A 42 16.80 7.22 -16.49
N ALA A 43 16.58 8.15 -17.42
CA ALA A 43 15.35 8.92 -17.43
C ALA A 43 14.18 8.00 -17.71
N GLU A 44 13.11 8.13 -16.92
CA GLU A 44 11.92 7.30 -17.11
C GLU A 44 11.24 7.67 -18.41
N GLU A 45 11.06 6.69 -19.29
CA GLU A 45 10.49 6.92 -20.61
C GLU A 45 8.98 7.06 -20.46
N GLY A 46 8.52 8.31 -20.37
CA GLY A 46 7.09 8.55 -20.28
C GLY A 46 6.39 8.35 -21.60
N LYS A 47 5.10 8.04 -21.52
CA LYS A 47 4.29 7.82 -22.71
C LYS A 47 3.60 9.12 -23.11
N SER A 48 3.34 9.27 -24.40
CA SER A 48 2.75 10.49 -24.91
C SER A 48 1.22 10.42 -24.82
N LEU A 49 0.58 11.57 -25.05
CA LEU A 49 -0.87 11.61 -25.14
C LEU A 49 -1.36 10.68 -26.25
N TRP A 50 -0.69 10.70 -27.40
CA TRP A 50 -1.04 9.81 -28.49
C TRP A 50 -0.98 8.35 -28.06
N GLU A 51 0.06 7.97 -27.31
CA GLU A 51 0.14 6.62 -26.80
C GLU A 51 -0.90 6.38 -25.71
N LEU A 52 -1.31 7.43 -24.99
CA LEU A 52 -2.30 7.27 -23.94
C LEU A 52 -3.71 7.16 -24.50
N VAL A 53 -4.02 7.91 -25.56
CA VAL A 53 -5.33 7.78 -26.18
C VAL A 53 -5.43 6.49 -26.99
N ILE A 54 -4.30 5.99 -27.52
CA ILE A 54 -4.31 4.70 -28.18
C ILE A 54 -4.59 3.59 -27.16
N GLU A 55 -3.99 3.69 -25.98
CA GLU A 55 -4.28 2.74 -24.92
C GLU A 55 -5.73 2.85 -24.46
N GLN A 56 -6.29 4.06 -24.50
CA GLN A 56 -7.70 4.23 -24.14
C GLN A 56 -8.61 3.55 -25.15
N PHE A 57 -8.33 3.73 -26.44
CA PHE A 57 -9.09 3.09 -27.51
C PHE A 57 -8.58 1.68 -27.82
N GLU A 58 -7.73 1.11 -26.96
CA GLU A 58 -7.28 -0.25 -27.15
C GLU A 58 -8.27 -1.26 -26.57
N ASP A 59 -9.04 -0.86 -25.57
CA ASP A 59 -10.01 -1.75 -24.95
C ASP A 59 -11.06 -2.18 -25.98
N LEU A 60 -11.44 -3.46 -25.91
CA LEU A 60 -12.32 -4.03 -26.93
C LEU A 60 -13.72 -3.41 -26.86
N LEU A 61 -14.24 -3.20 -25.64
CA LEU A 61 -15.54 -2.56 -25.51
C LEU A 61 -15.53 -1.13 -26.04
N VAL A 62 -14.40 -0.43 -25.89
CA VAL A 62 -14.28 0.91 -26.44
C VAL A 62 -14.27 0.88 -27.95
N ARG A 63 -13.60 -0.12 -28.54
CA ARG A 63 -13.57 -0.24 -29.99
C ARG A 63 -14.95 -0.59 -30.55
N ILE A 64 -15.74 -1.36 -29.81
CA ILE A 64 -17.08 -1.71 -30.26
C ILE A 64 -17.96 -0.47 -30.30
N LEU A 65 -17.90 0.34 -29.24
CA LEU A 65 -18.70 1.58 -29.22
C LEU A 65 -18.22 2.56 -30.28
N LEU A 66 -16.91 2.62 -30.52
CA LEU A 66 -16.39 3.51 -31.55
C LEU A 66 -16.85 3.07 -32.95
N LEU A 67 -16.87 1.76 -33.19
CA LEU A 67 -17.39 1.27 -34.46
C LEU A 67 -18.88 1.53 -34.58
N ALA A 68 -19.64 1.29 -33.50
CA ALA A 68 -21.07 1.58 -33.52
C ALA A 68 -21.33 3.07 -33.72
N ALA A 69 -20.46 3.93 -33.20
CA ALA A 69 -20.60 5.35 -33.44
C ALA A 69 -20.32 5.69 -34.91
N CYS A 70 -19.32 5.03 -35.51
CA CYS A 70 -19.04 5.26 -36.92
C CYS A 70 -20.21 4.83 -37.80
N ILE A 71 -20.81 3.68 -37.48
CA ILE A 71 -22.00 3.25 -38.21
C ILE A 71 -23.13 4.25 -38.04
N SER A 72 -23.32 4.75 -36.82
CA SER A 72 -24.39 5.70 -36.56
C SER A 72 -24.16 7.00 -37.31
N PHE A 73 -22.89 7.41 -37.45
CA PHE A 73 -22.60 8.66 -38.15
C PHE A 73 -22.94 8.55 -39.63
N VAL A 74 -22.58 7.43 -40.27
CA VAL A 74 -22.90 7.29 -41.69
C VAL A 74 -24.39 7.02 -41.87
N LEU A 75 -25.05 6.44 -40.87
CA LEU A 75 -26.50 6.28 -40.95
C LEU A 75 -27.21 7.61 -40.78
N ALA A 76 -26.67 8.49 -39.93
CA ALA A 76 -27.24 9.82 -39.79
C ALA A 76 -26.96 10.67 -41.02
N TRP A 77 -25.83 10.43 -41.70
CA TRP A 77 -25.52 11.18 -42.91
C TRP A 77 -26.46 10.81 -44.04
N PHE A 78 -26.82 9.53 -44.15
CA PHE A 78 -27.70 9.03 -45.20
C PHE A 78 -29.06 8.71 -44.57
N GLU A 79 -29.92 9.73 -44.51
CA GLU A 79 -31.26 9.56 -43.96
C GLU A 79 -32.29 10.33 -44.78
N THR A 84 -34.61 16.60 -40.21
CA THR A 84 -34.31 16.02 -38.91
C THR A 84 -32.82 16.08 -38.62
N ILE A 85 -32.40 17.08 -37.83
CA ILE A 85 -31.00 17.19 -37.43
C ILE A 85 -30.73 16.48 -36.11
N THR A 86 -31.77 15.97 -35.45
CA THR A 86 -31.59 15.20 -34.22
C THR A 86 -30.97 13.84 -34.47
N ALA A 87 -30.75 13.46 -35.73
CA ALA A 87 -30.17 12.16 -36.03
C ALA A 87 -28.71 12.08 -35.60
N PHE A 88 -27.96 13.16 -35.81
CA PHE A 88 -26.55 13.17 -35.43
C PHE A 88 -26.33 13.28 -33.93
N VAL A 89 -27.41 13.32 -33.14
CA VAL A 89 -27.25 13.28 -31.68
C VAL A 89 -26.72 11.91 -31.25
N GLU A 90 -27.27 10.83 -31.84
CA GLU A 90 -26.81 9.49 -31.49
C GLU A 90 -25.31 9.30 -31.73
N PRO A 91 -24.74 9.66 -32.89
CA PRO A 91 -23.27 9.59 -33.01
C PRO A 91 -22.55 10.51 -32.05
N PHE A 92 -23.05 11.74 -31.85
CA PHE A 92 -22.36 12.70 -31.01
C PHE A 92 -22.32 12.25 -29.56
N VAL A 93 -23.42 11.70 -29.05
CA VAL A 93 -23.46 11.27 -27.65
C VAL A 93 -22.49 10.13 -27.42
N ILE A 94 -22.50 9.13 -28.32
CA ILE A 94 -21.59 7.99 -28.16
C ILE A 94 -20.14 8.46 -28.15
N LEU A 95 -19.81 9.43 -29.01
CA LEU A 95 -18.44 9.95 -29.06
C LEU A 95 -18.10 10.70 -27.78
N LEU A 96 -19.05 11.47 -27.25
CA LEU A 96 -18.78 12.23 -26.04
C LEU A 96 -18.44 11.31 -24.87
N ILE A 97 -19.08 10.15 -24.81
CA ILE A 97 -18.80 9.19 -23.74
C ILE A 97 -17.36 8.72 -23.80
N LEU A 98 -16.94 8.24 -24.99
CA LEU A 98 -15.57 7.76 -25.15
C LEU A 98 -14.56 8.86 -24.93
N ILE A 99 -14.82 10.05 -25.49
CA ILE A 99 -13.89 11.16 -25.31
C ILE A 99 -13.75 11.52 -23.84
N ALA A 100 -14.88 11.63 -23.13
CA ALA A 100 -14.83 11.99 -21.71
C ALA A 100 -14.08 10.93 -20.91
N ASN A 101 -14.35 9.65 -21.17
CA ASN A 101 -13.62 8.59 -20.50
C ASN A 101 -12.13 8.68 -20.78
N ALA A 102 -11.75 9.09 -21.99
CA ALA A 102 -10.34 9.27 -22.31
C ALA A 102 -9.73 10.40 -21.48
N ILE A 103 -10.47 11.51 -21.33
CA ILE A 103 -9.97 12.63 -20.54
C ILE A 103 -9.74 12.20 -19.10
N VAL A 104 -10.64 11.39 -18.56
CA VAL A 104 -10.47 10.88 -17.20
C VAL A 104 -9.20 10.04 -17.11
N GLY A 105 -8.98 9.17 -18.09
CA GLY A 105 -7.77 8.35 -18.09
C GLY A 105 -6.51 9.18 -18.24
N VAL A 106 -6.55 10.20 -19.10
CA VAL A 106 -5.40 11.08 -19.26
C VAL A 106 -5.09 11.81 -17.96
N TRP A 107 -6.12 12.28 -17.25
CA TRP A 107 -5.90 12.99 -15.99
C TRP A 107 -5.30 12.06 -14.94
N GLN A 108 -5.72 10.80 -14.91
CA GLN A 108 -5.23 9.86 -13.91
C GLN A 108 -3.73 9.61 -14.07
N GLU A 109 -3.29 9.36 -15.31
CA GLU A 109 -1.88 9.09 -15.55
C GLU A 109 -1.02 10.30 -15.23
N ARG A 110 -1.48 11.50 -15.58
CA ARG A 110 -0.71 12.70 -15.28
C ARG A 110 -0.58 12.93 -13.78
N ASN A 111 -1.68 12.73 -13.05
CA ASN A 111 -1.64 12.88 -11.59
C ASN A 111 -0.81 11.79 -10.93
N ALA A 112 -0.63 10.65 -11.60
CA ALA A 112 0.11 9.54 -11.01
C ALA A 112 1.57 9.93 -10.80
N GLU A 113 2.15 9.38 -9.74
CA GLU A 113 3.53 9.64 -9.35
C GLU A 113 4.35 8.36 -9.50
N ASN A 114 5.58 8.51 -9.96
CA ASN A 114 6.49 7.40 -10.18
C ASN A 114 7.60 7.42 -9.15
N ALA A 115 7.89 6.26 -8.56
CA ALA A 115 8.94 6.19 -7.54
C ALA A 115 10.33 6.28 -8.15
N ILE A 116 10.51 5.77 -9.38
CA ILE A 116 11.80 5.90 -10.04
C ILE A 116 12.13 7.36 -10.29
N GLU A 117 11.12 8.15 -10.63
CA GLU A 117 11.32 9.60 -10.72
C GLU A 117 11.66 10.18 -9.36
N ALA A 118 11.09 9.61 -8.29
CA ALA A 118 11.34 10.16 -6.96
C ALA A 118 12.78 9.96 -6.54
N LEU A 119 13.39 8.83 -6.93
CA LEU A 119 14.80 8.59 -6.63
C LEU A 119 15.71 9.69 -7.13
N LYS A 120 15.27 10.46 -8.15
CA LYS A 120 16.11 11.53 -8.69
C LYS A 120 16.31 12.63 -7.66
N GLU A 121 15.32 12.86 -6.79
CA GLU A 121 15.44 13.90 -5.77
C GLU A 121 16.64 13.69 -4.86
N TYR A 122 17.15 12.46 -4.78
CA TYR A 122 18.38 12.14 -4.06
C TYR A 122 19.61 12.23 -4.96
N GLU A 123 19.52 12.93 -6.09
CA GLU A 123 20.66 13.15 -6.97
C GLU A 123 21.08 14.61 -6.90
N PRO A 124 22.28 14.94 -6.42
CA PRO A 124 22.70 16.34 -6.40
C PRO A 124 23.02 16.83 -7.81
N GLU A 125 22.81 18.13 -8.01
CA GLU A 125 23.14 18.72 -9.31
C GLU A 125 24.64 18.81 -9.51
N MET A 126 25.38 19.12 -8.44
CA MET A 126 26.81 19.41 -8.53
C MET A 126 27.61 18.49 -7.64
N GLY A 127 28.91 18.40 -7.94
CA GLY A 127 29.85 17.64 -7.14
C GLY A 127 31.22 18.30 -7.21
N LYS A 128 32.09 17.92 -6.27
CA LYS A 128 33.41 18.51 -6.14
C LYS A 128 34.47 17.44 -6.31
N VAL A 129 35.34 17.59 -7.31
CA VAL A 129 36.37 16.62 -7.62
C VAL A 129 37.72 17.31 -7.76
N TYR A 130 38.78 16.53 -7.56
CA TYR A 130 40.15 16.95 -7.82
C TYR A 130 40.67 16.18 -9.04
N ARG A 131 40.97 16.92 -10.11
CA ARG A 131 41.50 16.30 -11.33
C ARG A 131 42.83 16.95 -11.69
N ALA A 132 43.60 16.24 -12.52
CA ALA A 132 44.97 16.64 -12.83
C ALA A 132 45.07 17.92 -13.63
N ASP A 133 43.96 18.43 -14.18
CA ASP A 133 44.01 19.65 -14.98
C ASP A 133 44.06 20.92 -14.14
N ARG A 134 43.68 20.83 -12.86
CA ARG A 134 43.71 21.99 -11.98
C ARG A 134 44.20 21.57 -10.60
N LYS A 135 44.84 22.52 -9.90
CA LYS A 135 45.33 22.25 -8.55
C LYS A 135 44.20 22.34 -7.53
N SER A 136 43.30 23.30 -7.70
CA SER A 136 42.21 23.51 -6.76
C SER A 136 41.05 22.55 -7.06
N VAL A 137 40.08 22.54 -6.15
CA VAL A 137 38.90 21.70 -6.33
C VAL A 137 38.03 22.28 -7.44
N GLN A 138 37.33 21.41 -8.15
CA GLN A 138 36.45 21.79 -9.25
C GLN A 138 35.02 21.36 -8.90
N ARG A 139 34.09 22.32 -8.95
CA ARG A 139 32.68 22.03 -8.72
C ARG A 139 32.03 21.75 -10.07
N ILE A 140 31.89 20.47 -10.40
CA ILE A 140 31.31 20.05 -11.67
C ILE A 140 29.94 19.45 -11.40
N LYS A 141 29.19 19.24 -12.49
CA LYS A 141 27.91 18.56 -12.39
C LYS A 141 28.12 17.10 -12.03
N ALA A 142 27.32 16.60 -11.09
CA ALA A 142 27.47 15.24 -10.61
C ALA A 142 27.26 14.21 -11.72
N ARG A 143 26.61 14.60 -12.82
CA ARG A 143 26.42 13.70 -13.94
C ARG A 143 27.74 13.31 -14.58
N ASP A 144 28.74 14.20 -14.56
CA ASP A 144 30.00 13.99 -15.23
C ASP A 144 31.05 13.30 -14.35
N ILE A 145 30.65 12.80 -13.19
CA ILE A 145 31.58 12.09 -12.30
C ILE A 145 31.67 10.65 -12.73
N VAL A 146 32.89 10.12 -12.78
CA VAL A 146 33.14 8.76 -13.24
C VAL A 146 33.79 7.98 -12.10
N PRO A 147 33.74 6.65 -12.15
CA PRO A 147 34.47 5.86 -11.15
C PRO A 147 35.97 6.12 -11.24
N GLY A 148 36.60 6.27 -10.07
CA GLY A 148 37.99 6.64 -9.99
C GLY A 148 38.24 8.10 -9.72
N ASP A 149 37.19 8.93 -9.72
CA ASP A 149 37.35 10.34 -9.41
C ASP A 149 37.70 10.53 -7.94
N ILE A 150 38.53 11.53 -7.65
CA ILE A 150 38.84 11.92 -6.29
C ILE A 150 37.86 13.00 -5.89
N VAL A 151 37.00 12.70 -4.92
CA VAL A 151 35.86 13.55 -4.58
C VAL A 151 36.02 14.08 -3.16
N GLU A 152 35.55 15.31 -2.96
CA GLU A 152 35.58 15.97 -1.66
C GLU A 152 34.16 16.35 -1.27
N VAL A 153 33.74 15.92 -0.08
CA VAL A 153 32.41 16.22 0.44
C VAL A 153 32.58 16.89 1.80
N ALA A 154 31.57 17.68 2.18
CA ALA A 154 31.61 18.42 3.44
C ALA A 154 30.18 18.50 3.97
N VAL A 155 30.00 19.23 5.07
CA VAL A 155 28.69 19.34 5.71
C VAL A 155 27.69 19.97 4.76
N GLY A 156 26.46 19.44 4.75
CA GLY A 156 25.41 19.90 3.88
C GLY A 156 25.40 19.28 2.49
N ASP A 157 26.55 18.83 2.00
CA ASP A 157 26.63 18.23 0.68
C ASP A 157 25.84 16.93 0.62
N LYS A 158 25.29 16.64 -0.56
CA LYS A 158 24.69 15.35 -0.85
C LYS A 158 25.70 14.51 -1.61
N VAL A 159 25.86 13.26 -1.21
CA VAL A 159 26.86 12.36 -1.78
C VAL A 159 26.47 12.05 -3.22
N PRO A 160 27.33 12.38 -4.20
CA PRO A 160 26.92 12.24 -5.61
C PRO A 160 27.09 10.84 -6.17
N ALA A 161 27.96 10.00 -5.59
CA ALA A 161 28.18 8.65 -6.07
C ALA A 161 28.58 7.79 -4.89
N ASP A 162 28.69 6.48 -5.13
CA ASP A 162 29.18 5.58 -4.10
C ASP A 162 30.69 5.76 -3.96
N ILE A 163 31.12 6.28 -2.82
CA ILE A 163 32.47 6.79 -2.62
C ILE A 163 33.15 5.97 -1.54
N ARG A 164 34.33 5.45 -1.86
CA ARG A 164 35.19 4.83 -0.86
C ARG A 164 36.00 5.91 -0.16
N ILE A 165 35.82 6.04 1.16
CA ILE A 165 36.47 7.09 1.91
C ILE A 165 37.98 6.83 1.96
N LEU A 166 38.76 7.83 1.57
CA LEU A 166 40.22 7.74 1.59
C LEU A 166 40.79 8.29 2.88
N SER A 167 40.59 9.58 3.15
CA SER A 167 41.05 10.22 4.37
C SER A 167 39.99 11.20 4.85
N ILE A 168 39.82 11.28 6.17
CA ILE A 168 38.88 12.19 6.80
C ILE A 168 39.65 13.40 7.28
N LYS A 169 39.41 14.55 6.64
CA LYS A 169 40.14 15.77 6.94
C LYS A 169 39.69 16.44 8.24
N SER A 170 38.56 16.03 8.80
CA SER A 170 38.04 16.62 10.02
C SER A 170 38.32 15.70 11.21
N THR A 171 37.71 16.01 12.34
CA THR A 171 37.86 15.16 13.53
C THR A 171 37.11 13.85 13.35
N THR A 172 35.80 13.94 13.10
CA THR A 172 34.97 12.78 12.79
C THR A 172 34.18 13.07 11.51
N LEU A 173 33.48 12.05 11.02
CA LEU A 173 32.62 12.19 9.84
C LEU A 173 31.31 11.45 10.12
N ARG A 174 30.22 12.20 10.19
CA ARG A 174 28.90 11.66 10.45
C ARG A 174 28.02 11.87 9.22
N VAL A 175 27.32 10.81 8.81
CA VAL A 175 26.52 10.81 7.59
C VAL A 175 25.07 10.50 7.95
N ASP A 176 24.15 11.14 7.25
CA ASP A 176 22.71 10.85 7.39
C ASP A 176 22.33 9.89 6.28
N GLN A 177 22.34 8.60 6.60
CA GLN A 177 21.91 7.55 5.67
C GLN A 177 20.44 7.22 5.83
N SER A 178 19.62 8.24 6.09
CA SER A 178 18.21 8.01 6.39
C SER A 178 17.45 7.59 5.14
N ILE A 179 17.81 8.13 3.96
CA ILE A 179 17.08 7.79 2.74
C ILE A 179 17.04 6.29 2.53
N LEU A 180 18.06 5.57 2.99
CA LEU A 180 18.06 4.12 2.89
C LEU A 180 17.23 3.49 4.00
N THR A 181 17.32 4.02 5.22
CA THR A 181 16.67 3.40 6.38
C THR A 181 15.76 4.42 7.09
N GLY A 182 14.73 4.87 6.37
CA GLY A 182 13.68 5.68 6.99
C GLY A 182 14.21 6.99 7.56
N GLU A 183 14.06 7.14 8.88
CA GLU A 183 14.62 8.27 9.62
C GLU A 183 15.54 7.70 10.69
N SER A 184 16.83 7.98 10.59
CA SER A 184 17.82 7.36 11.45
C SER A 184 18.78 8.41 11.99
N VAL A 185 19.54 8.01 13.01
CA VAL A 185 20.57 8.87 13.59
C VAL A 185 21.81 8.86 12.71
N SER A 186 22.61 9.91 12.80
CA SER A 186 23.85 9.99 12.05
C SER A 186 24.78 8.85 12.41
N VAL A 187 25.51 8.34 11.42
CA VAL A 187 26.41 7.21 11.58
C VAL A 187 27.83 7.68 11.37
N ILE A 188 28.74 7.23 12.24
CA ILE A 188 30.15 7.61 12.15
C ILE A 188 30.82 6.78 11.07
N LYS A 189 31.72 7.40 10.30
CA LYS A 189 32.43 6.74 9.22
C LYS A 189 33.92 6.70 9.51
N HIS A 190 34.58 5.64 9.00
CA HIS A 190 36.02 5.48 9.12
C HIS A 190 36.63 5.19 7.75
N THR A 191 37.92 4.83 7.71
CA THR A 191 38.59 4.57 6.44
C THR A 191 39.18 3.18 6.32
N GLU A 192 39.22 2.40 7.40
CA GLU A 192 39.78 1.06 7.33
C GLU A 192 38.84 0.12 6.58
N PRO A 193 39.36 -0.89 5.90
CA PRO A 193 38.50 -1.79 5.12
C PRO A 193 37.64 -2.66 6.01
N VAL A 194 36.55 -3.15 5.41
CA VAL A 194 35.63 -4.07 6.07
C VAL A 194 35.90 -5.47 5.50
N PRO A 195 36.31 -6.43 6.33
CA PRO A 195 36.83 -7.70 5.77
C PRO A 195 35.80 -8.50 4.97
N ASP A 196 34.52 -8.40 5.31
CA ASP A 196 33.51 -9.23 4.65
C ASP A 196 33.15 -8.63 3.29
N PRO A 197 33.37 -9.35 2.18
CA PRO A 197 32.93 -8.83 0.88
C PRO A 197 31.42 -8.86 0.70
N ARG A 198 30.71 -9.72 1.43
CA ARG A 198 29.25 -9.80 1.36
C ARG A 198 28.58 -9.02 2.48
N ALA A 199 29.24 -7.98 2.99
CA ALA A 199 28.69 -7.19 4.08
C ALA A 199 27.58 -6.29 3.59
N VAL A 200 26.65 -5.98 4.49
CA VAL A 200 25.51 -5.12 4.17
C VAL A 200 25.91 -3.66 4.35
N ASN A 201 25.04 -2.75 3.89
CA ASN A 201 25.38 -1.33 3.90
C ASN A 201 25.49 -0.74 5.29
N GLN A 202 24.83 -1.31 6.29
CA GLN A 202 24.99 -0.81 7.66
C GLN A 202 26.41 -1.01 8.16
N ASP A 203 27.10 -2.02 7.65
CA ASP A 203 28.44 -2.36 8.12
C ASP A 203 29.54 -1.78 7.25
N LYS A 204 29.21 -1.16 6.13
CA LYS A 204 30.20 -0.53 5.26
C LYS A 204 30.54 0.85 5.85
N LYS A 205 31.34 0.82 6.91
CA LYS A 205 31.70 2.05 7.62
C LYS A 205 32.66 2.93 6.83
N ASN A 206 33.26 2.42 5.75
CA ASN A 206 34.18 3.21 4.95
C ASN A 206 33.58 3.67 3.63
N MET A 207 32.25 3.70 3.53
CA MET A 207 31.57 3.98 2.28
C MET A 207 30.59 5.14 2.43
N LEU A 208 30.53 5.99 1.40
CA LEU A 208 29.52 7.03 1.27
C LEU A 208 28.59 6.64 0.13
N PHE A 209 27.29 6.54 0.43
CA PHE A 209 26.32 6.10 -0.55
C PHE A 209 25.69 7.30 -1.24
N SER A 210 25.49 7.17 -2.55
CA SER A 210 24.90 8.24 -3.34
C SER A 210 23.48 8.53 -2.85
N GLY A 211 23.19 9.82 -2.61
CA GLY A 211 21.90 10.25 -2.14
C GLY A 211 21.85 10.63 -0.67
N THR A 212 22.79 10.13 0.12
CA THR A 212 22.84 10.48 1.54
C THR A 212 23.47 11.86 1.71
N ASN A 213 23.36 12.39 2.93
CA ASN A 213 23.82 13.73 3.25
C ASN A 213 24.87 13.67 4.37
N ILE A 214 25.87 14.53 4.28
CA ILE A 214 26.94 14.59 5.27
C ILE A 214 26.46 15.42 6.45
N ALA A 215 26.30 14.79 7.62
CA ALA A 215 25.78 15.50 8.77
C ALA A 215 26.83 16.41 9.39
N ALA A 216 28.08 15.96 9.46
CA ALA A 216 29.15 16.73 10.05
C ALA A 216 30.48 16.16 9.59
N GLY A 217 31.43 17.04 9.29
CA GLY A 217 32.78 16.65 8.96
C GLY A 217 33.15 17.00 7.54
N LYS A 218 34.26 16.43 7.09
CA LYS A 218 34.78 16.66 5.75
C LYS A 218 35.76 15.54 5.43
N ALA A 219 35.61 14.93 4.26
CA ALA A 219 36.43 13.78 3.91
C ALA A 219 36.79 13.83 2.43
N LEU A 220 37.81 13.04 2.08
CA LEU A 220 38.23 12.84 0.70
C LEU A 220 38.04 11.38 0.35
N GLY A 221 37.55 11.12 -0.86
CA GLY A 221 37.26 9.75 -1.25
C GLY A 221 37.42 9.53 -2.74
N ILE A 222 37.39 8.26 -3.12
CA ILE A 222 37.48 7.83 -4.51
C ILE A 222 36.15 7.17 -4.90
N VAL A 223 35.68 7.48 -6.11
CA VAL A 223 34.40 6.96 -6.57
C VAL A 223 34.53 5.48 -6.90
N ALA A 224 33.66 4.66 -6.32
CA ALA A 224 33.61 3.23 -6.62
C ALA A 224 32.67 2.91 -7.78
N THR A 225 31.42 3.38 -7.72
CA THR A 225 30.43 3.11 -8.75
C THR A 225 29.59 4.36 -8.99
N THR A 226 29.00 4.43 -10.18
CA THR A 226 28.10 5.53 -10.55
C THR A 226 26.86 4.96 -11.25
N GLY A 227 25.89 5.85 -11.48
CA GLY A 227 24.72 5.48 -12.25
C GLY A 227 23.88 4.40 -11.58
N VAL A 228 23.53 3.37 -12.35
CA VAL A 228 22.73 2.26 -11.83
C VAL A 228 23.55 1.25 -11.05
N SER A 229 24.86 1.42 -10.98
CA SER A 229 25.70 0.51 -10.21
C SER A 229 25.80 0.88 -8.75
N THR A 230 25.27 2.03 -8.36
CA THR A 230 25.26 2.43 -6.95
C THR A 230 24.20 1.63 -6.19
N GLU A 231 24.20 1.78 -4.86
CA GLU A 231 23.20 1.10 -4.05
C GLU A 231 21.81 1.63 -4.34
N ILE A 232 21.68 2.94 -4.53
CA ILE A 232 20.39 3.51 -4.90
C ILE A 232 20.05 3.25 -6.35
N GLY A 233 21.06 2.95 -7.19
CA GLY A 233 20.78 2.59 -8.57
C GLY A 233 20.44 1.13 -8.75
N LYS A 234 20.97 0.26 -7.89
CA LYS A 234 20.57 -1.14 -7.93
C LYS A 234 19.14 -1.33 -7.45
N ILE A 235 18.68 -0.46 -6.55
CA ILE A 235 17.28 -0.49 -6.13
C ILE A 235 16.37 -0.02 -7.26
N ARG A 236 16.82 0.96 -8.04
CA ARG A 236 16.03 1.41 -9.18
C ARG A 236 15.86 0.30 -10.20
N ASP A 237 16.89 -0.52 -10.41
CA ASP A 237 16.78 -1.63 -11.36
C ASP A 237 15.80 -2.69 -10.87
N GLN A 238 15.77 -2.92 -9.56
CA GLN A 238 14.83 -3.89 -9.01
C GLN A 238 13.39 -3.40 -9.16
N MET A 239 13.16 -2.10 -8.97
CA MET A 239 11.82 -1.54 -9.14
C MET A 239 11.42 -1.49 -10.61
N ALA A 240 12.37 -1.16 -11.49
CA ALA A 240 12.08 -1.13 -12.91
C ALA A 240 11.76 -2.51 -13.47
N ALA A 241 12.30 -3.56 -12.83
CA ALA A 241 12.03 -4.93 -13.27
C ALA A 241 10.72 -5.47 -12.71
N THR A 242 10.19 -4.86 -11.65
CA THR A 242 8.95 -5.34 -11.06
C THR A 242 7.75 -4.96 -11.93
N GLU A 243 6.89 -5.93 -12.21
CA GLU A 243 5.68 -5.72 -13.00
C GLU A 243 4.47 -5.80 -12.09
N GLN A 244 3.59 -4.80 -12.20
CA GLN A 244 2.37 -4.74 -11.39
C GLN A 244 1.26 -5.46 -12.15
N ASP A 245 0.81 -6.59 -11.62
CA ASP A 245 -0.28 -7.34 -12.24
C ASP A 245 -1.60 -6.60 -12.06
N LYS A 246 -2.53 -6.85 -12.98
CA LYS A 246 -3.86 -6.26 -12.90
C LYS A 246 -4.61 -6.79 -11.69
N THR A 247 -5.42 -5.91 -11.08
CA THR A 247 -6.26 -6.34 -9.98
C THR A 247 -7.27 -7.37 -10.50
N PRO A 248 -7.76 -8.26 -9.62
CA PRO A 248 -8.69 -9.31 -10.09
C PRO A 248 -9.92 -8.76 -10.81
N LEU A 249 -10.43 -7.60 -10.40
CA LEU A 249 -11.57 -7.02 -11.09
C LEU A 249 -11.16 -6.46 -12.45
N GLN A 250 -9.97 -5.86 -12.55
CA GLN A 250 -9.46 -5.42 -13.84
C GLN A 250 -9.33 -6.58 -14.81
N GLN A 251 -8.91 -7.75 -14.31
CA GLN A 251 -8.84 -8.94 -15.15
C GLN A 251 -10.23 -9.42 -15.55
N LYS A 252 -11.21 -9.27 -14.66
CA LYS A 252 -12.56 -9.70 -14.97
C LYS A 252 -13.21 -8.82 -16.04
N LEU A 253 -12.81 -7.54 -16.11
CA LEU A 253 -13.27 -6.70 -17.20
C LEU A 253 -12.72 -7.17 -18.54
N ASP A 254 -11.51 -7.74 -18.54
CA ASP A 254 -10.94 -8.26 -19.77
C ASP A 254 -11.72 -9.48 -20.27
N GLU A 255 -11.95 -10.45 -19.40
CA GLU A 255 -12.71 -11.63 -19.82
C GLU A 255 -14.15 -11.30 -20.15
N PHE A 256 -14.72 -10.27 -19.50
CA PHE A 256 -16.08 -9.87 -19.82
C PHE A 256 -16.15 -9.26 -21.22
N GLY A 257 -15.19 -8.40 -21.55
CA GLY A 257 -15.16 -7.81 -22.88
C GLY A 257 -14.82 -8.82 -23.97
N GLU A 258 -13.95 -9.79 -23.66
CA GLU A 258 -13.60 -10.81 -24.64
C GLU A 258 -14.80 -11.73 -24.91
N GLN A 259 -15.54 -12.08 -23.87
CA GLN A 259 -16.72 -12.93 -24.07
C GLN A 259 -17.88 -12.14 -24.66
N LEU A 260 -17.93 -10.83 -24.42
CA LEU A 260 -19.03 -10.03 -24.93
C LEU A 260 -18.95 -9.86 -26.44
N SER A 261 -17.74 -9.65 -26.98
CA SER A 261 -17.60 -9.55 -28.42
C SER A 261 -17.87 -10.88 -29.11
N LYS A 262 -17.63 -12.00 -28.43
CA LYS A 262 -17.96 -13.30 -29.01
C LYS A 262 -19.47 -13.52 -29.06
N VAL A 263 -20.22 -12.97 -28.09
CA VAL A 263 -21.67 -13.12 -28.09
C VAL A 263 -22.31 -12.20 -29.12
N ILE A 264 -21.83 -10.96 -29.22
CA ILE A 264 -22.38 -10.02 -30.19
C ILE A 264 -22.23 -10.56 -31.60
N SER A 265 -21.04 -11.09 -31.92
CA SER A 265 -20.84 -11.68 -33.24
C SER A 265 -21.72 -12.90 -33.45
N LEU A 266 -22.03 -13.63 -32.38
CA LEU A 266 -22.92 -14.79 -32.49
C LEU A 266 -24.37 -14.37 -32.65
N ILE A 267 -24.79 -13.29 -31.97
CA ILE A 267 -26.15 -12.77 -32.14
C ILE A 267 -26.36 -12.29 -33.56
N CYS A 268 -25.34 -11.65 -34.15
CA CYS A 268 -25.44 -11.19 -35.53
C CYS A 268 -25.59 -12.37 -36.49
N VAL A 269 -24.83 -13.45 -36.25
CA VAL A 269 -24.96 -14.64 -37.09
C VAL A 269 -26.32 -15.28 -36.88
N ALA A 270 -26.83 -15.29 -35.65
CA ALA A 270 -28.14 -15.87 -35.38
C ALA A 270 -29.23 -15.10 -36.10
N VAL A 271 -29.15 -13.77 -36.10
CA VAL A 271 -30.16 -12.95 -36.78
C VAL A 271 -30.15 -13.24 -38.28
N TRP A 272 -28.96 -13.35 -38.87
CA TRP A 272 -28.87 -13.67 -40.29
C TRP A 272 -29.38 -15.08 -40.58
N LEU A 273 -29.09 -16.03 -39.68
CA LEU A 273 -29.55 -17.39 -39.89
C LEU A 273 -31.06 -17.51 -39.81
N ILE A 274 -31.71 -16.71 -38.95
CA ILE A 274 -33.16 -16.75 -38.87
C ILE A 274 -33.78 -16.16 -40.12
N ASN A 275 -33.15 -15.13 -40.70
CA ASN A 275 -33.68 -14.43 -41.86
C ASN A 275 -33.06 -14.93 -43.17
N ILE A 276 -32.64 -16.20 -43.22
CA ILE A 276 -32.11 -16.75 -44.47
C ILE A 276 -33.20 -16.91 -45.51
N GLY A 277 -34.47 -16.92 -45.08
CA GLY A 277 -35.58 -16.97 -46.02
C GLY A 277 -35.61 -15.82 -47.00
N HIS A 278 -35.01 -14.68 -46.65
CA HIS A 278 -34.91 -13.55 -47.56
C HIS A 278 -34.02 -13.85 -48.76
N PHE A 279 -33.25 -14.93 -48.73
CA PHE A 279 -32.52 -15.36 -49.92
C PHE A 279 -33.46 -15.89 -50.99
N ASN A 280 -34.57 -16.50 -50.58
CA ASN A 280 -35.62 -16.91 -51.50
C ASN A 280 -36.57 -15.76 -51.87
N ASP A 281 -36.43 -14.61 -51.21
CA ASP A 281 -37.24 -13.44 -51.53
C ASP A 281 -36.90 -12.93 -52.92
N PRO A 282 -37.89 -12.41 -53.65
CA PRO A 282 -37.63 -11.89 -55.00
C PRO A 282 -36.49 -10.87 -55.02
N VAL A 283 -35.72 -10.89 -56.11
CA VAL A 283 -34.53 -10.05 -56.21
C VAL A 283 -34.92 -8.58 -56.35
N HIS A 284 -35.90 -8.29 -57.20
CA HIS A 284 -36.29 -6.91 -57.45
C HIS A 284 -37.05 -6.35 -56.26
N GLY A 285 -36.55 -5.24 -55.70
CA GLY A 285 -37.18 -4.60 -54.58
C GLY A 285 -36.42 -3.39 -54.07
N GLY A 286 -37.14 -2.44 -53.48
CA GLY A 286 -36.55 -1.25 -52.92
C GLY A 286 -36.26 -1.30 -51.43
N SER A 287 -36.63 -2.38 -50.76
CA SER A 287 -36.38 -2.53 -49.32
C SER A 287 -34.99 -3.07 -49.01
N TRP A 288 -34.15 -3.29 -50.03
CA TRP A 288 -32.82 -3.83 -49.78
C TRP A 288 -31.93 -2.81 -49.10
N ILE A 289 -31.87 -1.59 -49.65
CA ILE A 289 -31.16 -0.52 -48.97
C ILE A 289 -31.78 -0.26 -47.60
N ARG A 290 -33.11 -0.40 -47.51
CA ARG A 290 -33.78 -0.30 -46.21
C ARG A 290 -33.37 -1.45 -45.30
N GLY A 291 -33.32 -2.68 -45.84
CA GLY A 291 -32.94 -3.82 -45.02
C GLY A 291 -31.53 -3.71 -44.47
N ALA A 292 -30.62 -3.14 -45.26
CA ALA A 292 -29.27 -2.90 -44.77
C ALA A 292 -29.28 -1.90 -43.63
N ILE A 293 -29.97 -0.77 -43.82
CA ILE A 293 -30.08 0.22 -42.75
C ILE A 293 -30.74 -0.39 -41.53
N TYR A 294 -31.74 -1.26 -41.74
CA TYR A 294 -32.41 -1.92 -40.63
C TYR A 294 -31.43 -2.77 -39.82
N TYR A 295 -30.62 -3.57 -40.52
CA TYR A 295 -29.64 -4.41 -39.83
C TYR A 295 -28.45 -3.61 -39.31
N PHE A 296 -28.12 -2.50 -39.96
CA PHE A 296 -27.05 -1.64 -39.44
C PHE A 296 -27.51 -0.91 -38.19
N LYS A 297 -28.76 -0.44 -38.16
CA LYS A 297 -29.27 0.21 -36.96
C LYS A 297 -29.41 -0.77 -35.81
N ILE A 298 -29.73 -2.03 -36.09
CA ILE A 298 -29.82 -3.04 -35.05
C ILE A 298 -28.43 -3.34 -34.49
N ALA A 299 -27.42 -3.38 -35.37
CA ALA A 299 -26.05 -3.60 -34.91
C ALA A 299 -25.62 -2.49 -33.96
N VAL A 300 -25.97 -1.24 -34.27
CA VAL A 300 -25.66 -0.13 -33.38
C VAL A 300 -26.37 -0.30 -32.05
N ALA A 301 -27.68 -0.61 -32.10
CA ALA A 301 -28.43 -0.81 -30.88
C ALA A 301 -27.97 -2.04 -30.11
N LEU A 302 -27.53 -3.08 -30.83
CA LEU A 302 -27.04 -4.29 -30.17
C LEU A 302 -25.79 -3.99 -29.35
N ALA A 303 -24.90 -3.14 -29.86
CA ALA A 303 -23.71 -2.77 -29.11
C ALA A 303 -24.06 -1.89 -27.92
N VAL A 304 -24.92 -0.90 -28.11
CA VAL A 304 -25.28 0.01 -27.02
C VAL A 304 -26.03 -0.74 -25.94
N ALA A 305 -26.84 -1.72 -26.33
CA ALA A 305 -27.59 -2.51 -25.35
C ALA A 305 -26.69 -3.46 -24.56
N ALA A 306 -25.51 -3.79 -25.06
CA ALA A 306 -24.63 -4.75 -24.39
C ALA A 306 -23.63 -4.07 -23.46
N ILE A 307 -23.13 -2.90 -23.83
CA ILE A 307 -22.07 -2.24 -23.06
C ILE A 307 -22.71 -1.51 -21.89
N PRO A 308 -22.25 -1.74 -20.66
CA PRO A 308 -22.71 -0.90 -19.54
C PRO A 308 -22.03 0.45 -19.55
N GLU A 309 -22.58 1.41 -20.30
CA GLU A 309 -21.90 2.69 -20.49
C GLU A 309 -21.77 3.47 -19.18
N GLY A 310 -22.71 3.30 -18.25
CA GLY A 310 -22.63 4.05 -17.02
C GLY A 310 -21.79 3.42 -15.93
N LEU A 311 -21.29 2.21 -16.16
CA LEU A 311 -20.55 1.52 -15.11
C LEU A 311 -19.24 2.21 -14.75
N PRO A 312 -18.42 2.68 -15.71
CA PRO A 312 -17.18 3.36 -15.29
C PRO A 312 -17.41 4.57 -14.41
N ALA A 313 -18.49 5.32 -14.64
CA ALA A 313 -18.77 6.48 -13.79
C ALA A 313 -19.19 6.07 -12.39
N VAL A 314 -19.89 4.94 -12.26
CA VAL A 314 -20.35 4.49 -10.94
C VAL A 314 -19.20 3.86 -10.17
N ILE A 315 -18.33 3.12 -10.85
CA ILE A 315 -17.21 2.47 -10.16
C ILE A 315 -16.24 3.51 -9.61
N THR A 316 -15.80 4.45 -10.46
CA THR A 316 -14.87 5.48 -10.00
C THR A 316 -15.49 6.39 -8.93
N THR A 317 -16.82 6.57 -8.97
CA THR A 317 -17.47 7.35 -7.93
C THR A 317 -17.47 6.62 -6.59
N CYS A 318 -17.71 5.31 -6.63
CA CYS A 318 -17.69 4.52 -5.39
C CYS A 318 -16.29 4.49 -4.79
N LEU A 319 -15.27 4.35 -5.64
CA LEU A 319 -13.89 4.29 -5.15
C LEU A 319 -13.43 5.65 -4.63
N ALA A 320 -13.83 6.74 -5.30
CA ALA A 320 -13.43 8.07 -4.85
C ALA A 320 -14.07 8.40 -3.51
N LEU A 321 -15.30 7.94 -3.28
CA LEU A 321 -15.95 8.20 -2.00
C LEU A 321 -15.37 7.33 -0.90
N GLY A 322 -15.03 6.07 -1.23
CA GLY A 322 -14.37 5.22 -0.25
C GLY A 322 -12.99 5.72 0.13
N THR A 323 -12.27 6.35 -0.81
CA THR A 323 -10.98 6.94 -0.50
C THR A 323 -11.14 8.06 0.53
N ARG A 324 -12.15 8.91 0.35
CA ARG A 324 -12.42 9.94 1.36
C ARG A 324 -12.84 9.32 2.68
N ARG A 325 -13.54 8.18 2.65
CA ARG A 325 -13.93 7.53 3.89
C ARG A 325 -12.76 6.85 4.57
N MET A 326 -11.81 6.32 3.79
CA MET A 326 -10.62 5.72 4.40
C MET A 326 -9.68 6.79 4.92
N ALA A 327 -9.59 7.94 4.25
CA ALA A 327 -8.73 9.02 4.73
C ALA A 327 -9.19 9.54 6.08
N LYS A 328 -10.49 9.44 6.37
CA LYS A 328 -10.98 9.80 7.70
C LYS A 328 -10.49 8.82 8.76
N LYS A 329 -10.18 7.58 8.38
CA LYS A 329 -9.60 6.59 9.27
C LYS A 329 -8.09 6.45 9.09
N ASN A 330 -7.43 7.53 8.67
CA ASN A 330 -5.97 7.61 8.56
C ASN A 330 -5.39 6.66 7.52
N ALA A 331 -6.19 6.13 6.61
CA ALA A 331 -5.71 5.29 5.52
C ALA A 331 -5.73 6.10 4.23
N ILE A 332 -4.56 6.40 3.69
CA ILE A 332 -4.46 7.20 2.46
C ILE A 332 -4.18 6.30 1.25
N VAL A 333 -5.23 5.89 0.55
CA VAL A 333 -5.07 5.05 -0.64
C VAL A 333 -4.76 5.94 -1.84
N ARG A 334 -3.71 5.59 -2.57
CA ARG A 334 -3.24 6.46 -3.64
C ARG A 334 -3.79 6.06 -4.99
N SER A 335 -4.16 4.79 -5.16
CA SER A 335 -4.69 4.27 -6.42
C SER A 335 -6.08 3.71 -6.16
N LEU A 336 -7.05 4.13 -6.96
CA LEU A 336 -8.42 3.67 -6.79
C LEU A 336 -8.59 2.17 -6.95
N PRO A 337 -8.01 1.50 -7.95
CA PRO A 337 -8.17 0.03 -8.04
C PRO A 337 -7.59 -0.72 -6.86
N SER A 338 -6.73 -0.09 -6.06
CA SER A 338 -6.13 -0.75 -4.91
C SER A 338 -7.15 -1.03 -3.81
N VAL A 339 -8.30 -0.37 -3.85
CA VAL A 339 -9.33 -0.59 -2.83
C VAL A 339 -9.88 -2.01 -2.91
N GLU A 340 -9.98 -2.56 -4.12
CA GLU A 340 -10.43 -3.95 -4.26
C GLU A 340 -9.40 -4.92 -3.69
N THR A 341 -8.14 -4.79 -4.12
CA THR A 341 -7.08 -5.65 -3.59
C THR A 341 -6.94 -5.48 -2.09
N LEU A 342 -7.31 -4.31 -1.56
CA LEU A 342 -7.25 -4.07 -0.12
C LEU A 342 -8.15 -5.04 0.64
N GLY A 343 -9.38 -5.25 0.14
CA GLY A 343 -10.29 -6.18 0.79
C GLY A 343 -9.96 -7.64 0.58
N CYS A 344 -9.11 -7.95 -0.40
CA CYS A 344 -8.70 -9.33 -0.67
C CYS A 344 -7.42 -9.70 0.06
N THR A 345 -6.98 -8.89 1.02
CA THR A 345 -5.72 -9.13 1.70
C THR A 345 -5.74 -10.47 2.43
N SER A 346 -4.71 -11.28 2.20
CA SER A 346 -4.57 -12.58 2.82
C SER A 346 -3.47 -12.65 3.86
N VAL A 347 -2.36 -11.93 3.64
CA VAL A 347 -1.23 -11.92 4.57
C VAL A 347 -0.77 -10.49 4.77
N ILE A 348 -0.52 -10.12 6.02
CA ILE A 348 -0.02 -8.78 6.37
C ILE A 348 1.33 -8.94 7.05
N CYS A 349 2.38 -8.43 6.41
CA CYS A 349 3.71 -8.36 7.01
C CYS A 349 3.95 -6.93 7.47
N SER A 350 4.13 -6.75 8.78
CA SER A 350 4.22 -5.43 9.37
C SER A 350 5.49 -5.32 10.21
N ASP A 351 6.18 -4.18 10.06
CA ASP A 351 7.26 -3.85 10.97
C ASP A 351 6.70 -3.60 12.36
N LYS A 352 7.55 -3.80 13.37
CA LYS A 352 7.11 -3.63 14.76
C LYS A 352 7.26 -2.18 15.21
N THR A 353 8.51 -1.72 15.34
CA THR A 353 8.77 -0.39 15.89
C THR A 353 8.06 0.68 15.07
N GLY A 354 7.19 1.43 15.73
CA GLY A 354 6.46 2.50 15.07
C GLY A 354 5.04 2.14 14.73
N THR A 355 4.82 0.90 14.27
CA THR A 355 3.50 0.45 13.86
C THR A 355 2.86 -0.48 14.89
N LEU A 356 3.50 -1.61 15.19
CA LEU A 356 2.97 -2.50 16.21
C LEU A 356 3.23 -1.94 17.61
N THR A 357 4.30 -1.18 17.78
CA THR A 357 4.66 -0.58 19.06
C THR A 357 4.72 0.94 18.91
N THR A 358 4.69 1.63 20.05
CA THR A 358 4.63 3.09 20.06
C THR A 358 6.00 3.73 19.86
N ASN A 359 7.08 2.95 19.87
CA ASN A 359 8.44 3.46 19.67
C ASN A 359 8.81 4.49 20.74
N GLN A 360 8.19 4.40 21.91
CA GLN A 360 8.48 5.28 23.04
C GLN A 360 9.01 4.41 24.18
N MET A 361 10.33 4.43 24.35
CA MET A 361 11.01 3.55 25.29
C MET A 361 10.96 4.11 26.71
N SER A 362 11.06 3.21 27.68
CA SER A 362 11.13 3.58 29.09
C SER A 362 11.66 2.40 29.87
N VAL A 363 12.65 2.65 30.73
CA VAL A 363 13.23 1.59 31.55
C VAL A 363 12.24 1.18 32.62
N CYS A 364 11.94 -0.12 32.68
CA CYS A 364 10.97 -0.65 33.62
C CYS A 364 11.61 -1.45 34.75
N LYS A 365 12.71 -2.14 34.50
CA LYS A 365 13.37 -2.94 35.51
C LYS A 365 14.87 -2.74 35.40
N MET A 366 15.56 -3.03 36.50
CA MET A 366 17.02 -2.99 36.56
C MET A 366 17.47 -3.76 37.80
N PHE A 367 18.62 -4.44 37.67
CA PHE A 367 19.18 -5.16 38.80
C PHE A 367 20.68 -5.00 38.85
N ILE A 368 21.21 -4.90 40.07
CA ILE A 368 22.64 -4.87 40.32
C ILE A 368 22.98 -6.08 41.20
N ILE A 369 24.27 -6.36 41.31
CA ILE A 369 24.72 -7.47 42.12
C ILE A 369 24.77 -7.05 43.58
N ASP A 370 24.19 -7.87 44.45
CA ASP A 370 24.08 -7.60 45.88
C ASP A 370 25.14 -8.32 46.70
N LYS A 371 25.41 -9.58 46.40
CA LYS A 371 26.29 -10.38 47.23
C LYS A 371 26.84 -11.52 46.40
N VAL A 372 28.17 -11.70 46.45
CA VAL A 372 28.84 -12.83 45.83
C VAL A 372 29.65 -13.52 46.90
N ASP A 373 29.39 -14.81 47.12
CA ASP A 373 30.05 -15.55 48.20
C ASP A 373 30.09 -17.03 47.81
N GLY A 374 31.05 -17.40 46.96
CA GLY A 374 31.14 -18.77 46.47
C GLY A 374 29.99 -19.13 45.55
N ASP A 375 29.25 -20.18 45.90
CA ASP A 375 28.07 -20.57 45.13
C ASP A 375 26.84 -19.73 45.47
N PHE A 376 26.88 -18.99 46.58
CA PHE A 376 25.77 -18.11 46.93
C PHE A 376 25.88 -16.79 46.19
N CYS A 377 24.75 -16.34 45.66
CA CYS A 377 24.68 -15.08 44.93
C CYS A 377 23.38 -14.38 45.27
N SER A 378 23.41 -13.05 45.23
CA SER A 378 22.26 -12.23 45.56
C SER A 378 22.22 -11.04 44.61
N LEU A 379 21.01 -10.71 44.15
CA LEU A 379 20.79 -9.60 43.24
C LEU A 379 19.84 -8.60 43.89
N ASN A 380 19.90 -7.36 43.41
CA ASN A 380 19.02 -6.28 43.85
C ASN A 380 18.19 -5.81 42.66
N GLU A 381 17.05 -6.44 42.42
CA GLU A 381 16.18 -6.07 41.32
C GLU A 381 15.31 -4.87 41.70
N PHE A 382 15.06 -4.02 40.71
CA PHE A 382 14.29 -2.81 40.93
C PHE A 382 13.20 -2.68 39.87
N SER A 383 12.32 -1.70 40.07
CA SER A 383 11.24 -1.42 39.15
C SER A 383 11.07 0.10 39.07
N ILE A 384 10.70 0.57 37.88
CA ILE A 384 10.55 1.99 37.61
C ILE A 384 9.13 2.24 37.12
N THR A 385 8.53 3.33 37.58
CA THR A 385 7.21 3.74 37.13
C THR A 385 7.32 4.94 36.19
N GLY A 386 6.36 5.03 35.26
CA GLY A 386 6.38 6.08 34.26
C GLY A 386 6.79 5.57 32.90
N SER A 387 5.85 5.57 31.96
CA SER A 387 6.07 5.01 30.63
C SER A 387 6.47 6.06 29.60
N THR A 388 6.50 7.33 29.96
CA THR A 388 6.83 8.40 29.04
C THR A 388 8.28 8.84 29.23
N TYR A 389 8.72 9.76 28.38
CA TYR A 389 10.03 10.37 28.51
C TYR A 389 10.09 11.41 29.62
N ALA A 390 8.96 11.70 30.27
CA ALA A 390 8.94 12.69 31.34
C ALA A 390 9.66 12.14 32.57
N PRO A 391 10.33 13.01 33.34
CA PRO A 391 11.08 12.53 34.52
C PRO A 391 10.19 12.14 35.69
N GLU A 392 8.87 12.16 35.49
CA GLU A 392 7.94 11.82 36.55
C GLU A 392 7.94 10.31 36.78
N GLY A 393 8.30 9.90 37.99
CA GLY A 393 8.35 8.49 38.32
C GLY A 393 9.20 8.26 39.56
N GLU A 394 9.14 7.02 40.05
CA GLU A 394 9.87 6.64 41.24
C GLU A 394 10.39 5.21 41.09
N VAL A 395 11.52 4.94 41.74
CA VAL A 395 12.14 3.62 41.71
C VAL A 395 11.59 2.80 42.87
N LEU A 396 11.26 1.54 42.59
CA LEU A 396 10.67 0.66 43.59
C LEU A 396 11.47 -0.64 43.66
N LYS A 397 11.42 -1.27 44.84
CA LYS A 397 11.94 -2.62 45.01
C LYS A 397 10.98 -3.39 45.91
N ASN A 398 10.52 -4.54 45.43
CA ASN A 398 9.47 -5.31 46.10
C ASN A 398 8.23 -4.44 46.35
N ASP A 399 7.87 -3.65 45.33
CA ASP A 399 6.72 -2.74 45.38
C ASP A 399 6.83 -1.75 46.53
N LYS A 400 8.05 -1.34 46.86
CA LYS A 400 8.30 -0.42 47.96
C LYS A 400 9.12 0.76 47.45
N PRO A 401 8.66 2.00 47.66
CA PRO A 401 9.47 3.16 47.27
C PRO A 401 10.80 3.18 48.00
N ILE A 402 11.86 3.52 47.26
CA ILE A 402 13.22 3.53 47.78
C ILE A 402 13.96 4.74 47.25
N ARG A 403 15.09 5.04 47.88
CA ARG A 403 15.98 6.11 47.47
C ARG A 403 17.20 5.49 46.81
N SER A 404 17.48 5.90 45.58
CA SER A 404 18.55 5.27 44.80
C SER A 404 19.93 5.58 45.38
N GLY A 405 20.08 6.72 46.06
CA GLY A 405 21.37 7.08 46.62
C GLY A 405 21.86 6.12 47.69
N GLN A 406 20.94 5.45 48.38
CA GLN A 406 21.31 4.50 49.42
C GLN A 406 21.98 3.25 48.88
N PHE A 407 21.96 3.05 47.57
CA PHE A 407 22.61 1.90 46.93
C PHE A 407 23.80 2.41 46.13
N ASP A 408 24.99 1.88 46.41
CA ASP A 408 26.17 2.33 45.70
C ASP A 408 26.19 1.79 44.27
N GLY A 409 25.75 0.56 44.07
CA GLY A 409 25.70 0.01 42.72
C GLY A 409 24.81 0.81 41.79
N LEU A 410 23.77 1.45 42.32
CA LEU A 410 22.91 2.31 41.52
C LEU A 410 23.55 3.66 41.21
N VAL A 411 24.51 4.10 42.01
CA VAL A 411 25.23 5.33 41.69
C VAL A 411 26.08 5.14 40.45
N GLU A 412 26.81 4.02 40.39
CA GLU A 412 27.61 3.73 39.20
C GLU A 412 26.73 3.38 38.00
N LEU A 413 25.58 2.76 38.25
CA LEU A 413 24.66 2.45 37.16
C LEU A 413 24.16 3.71 36.48
N ALA A 414 23.83 4.74 37.25
CA ALA A 414 23.32 5.98 36.68
C ALA A 414 24.40 6.76 35.95
N THR A 415 25.66 6.64 36.39
CA THR A 415 26.73 7.38 35.71
C THR A 415 27.03 6.78 34.35
N ILE A 416 26.92 5.45 34.22
CA ILE A 416 27.08 4.81 32.92
C ILE A 416 25.94 5.23 31.99
N CYS A 417 24.72 5.34 32.52
CA CYS A 417 23.58 5.69 31.69
C CYS A 417 23.63 7.16 31.24
N ALA A 418 24.20 8.04 32.06
CA ALA A 418 24.28 9.46 31.73
C ALA A 418 25.47 9.81 30.84
N LEU A 419 26.60 9.14 31.00
CA LEU A 419 27.79 9.47 30.24
C LEU A 419 27.88 8.69 28.92
N CYS A 420 27.58 7.40 28.95
CA CYS A 420 27.56 6.58 27.73
C CYS A 420 26.22 6.77 27.03
N ASN A 421 26.02 7.98 26.53
CA ASN A 421 24.72 8.39 25.99
C ASN A 421 24.93 9.60 25.09
N ASP A 422 24.53 9.47 23.82
CA ASP A 422 24.61 10.57 22.87
C ASP A 422 23.31 11.36 22.75
N SER A 423 22.26 10.96 23.47
CA SER A 423 20.95 11.58 23.37
C SER A 423 20.71 12.52 24.55
N SER A 424 19.58 13.22 24.50
CA SER A 424 19.22 14.19 25.52
C SER A 424 17.70 14.32 25.57
N LEU A 425 17.22 15.10 26.53
CA LEU A 425 15.80 15.35 26.72
C LEU A 425 15.53 16.85 26.59
N ASP A 426 14.37 17.17 26.02
CA ASP A 426 13.95 18.55 25.85
C ASP A 426 12.47 18.66 26.20
N PHE A 427 12.08 19.81 26.75
CA PHE A 427 10.71 20.09 27.11
C PHE A 427 10.14 21.10 26.13
N ASN A 428 9.02 20.75 25.49
CA ASN A 428 8.34 21.61 24.53
C ASN A 428 7.10 22.20 25.20
N GLU A 429 7.13 23.51 25.45
CA GLU A 429 6.00 24.16 26.11
C GLU A 429 4.78 24.26 25.19
N THR A 430 5.01 24.30 23.88
CA THR A 430 3.88 24.37 22.95
C THR A 430 3.01 23.13 23.04
N LYS A 431 3.63 21.95 23.07
CA LYS A 431 2.92 20.70 23.27
C LYS A 431 2.81 20.31 24.74
N GLY A 432 3.56 20.96 25.62
CA GLY A 432 3.47 20.66 27.04
C GLY A 432 3.97 19.29 27.42
N VAL A 433 4.83 18.68 26.61
CA VAL A 433 5.29 17.32 26.81
C VAL A 433 6.80 17.29 26.63
N TYR A 434 7.50 16.57 27.52
CA TYR A 434 8.92 16.31 27.34
C TYR A 434 9.14 15.49 26.08
N GLU A 435 10.13 15.88 25.29
CA GLU A 435 10.40 15.25 24.01
C GLU A 435 11.82 14.70 23.98
N LYS A 436 12.04 13.67 23.17
CA LYS A 436 13.33 13.03 23.06
C LYS A 436 14.21 13.77 22.04
N VAL A 437 15.52 13.68 22.24
CA VAL A 437 16.51 14.28 21.34
C VAL A 437 17.53 13.19 21.03
N GLY A 438 17.28 12.41 19.99
CA GLY A 438 18.18 11.36 19.56
C GLY A 438 17.52 9.99 19.59
N GLU A 439 18.32 8.98 19.90
CA GLU A 439 17.84 7.61 19.92
C GLU A 439 16.81 7.42 21.03
N ALA A 440 15.76 6.64 20.72
CA ALA A 440 14.72 6.38 21.70
C ALA A 440 15.23 5.51 22.84
N THR A 441 16.11 4.56 22.54
CA THR A 441 16.65 3.69 23.59
C THR A 441 17.63 4.44 24.48
N GLU A 442 18.37 5.39 23.91
CA GLU A 442 19.28 6.19 24.73
C GLU A 442 18.51 7.21 25.56
N THR A 443 17.44 7.77 25.02
CA THR A 443 16.66 8.74 25.79
C THR A 443 15.97 8.09 26.97
N ALA A 444 15.65 6.79 26.87
CA ALA A 444 15.08 6.09 28.02
C ALA A 444 16.04 6.08 29.19
N LEU A 445 17.35 6.09 28.92
CA LEU A 445 18.33 6.15 29.99
C LEU A 445 18.41 7.53 30.61
N THR A 446 18.35 8.58 29.80
CA THR A 446 18.33 9.94 30.34
C THR A 446 17.12 10.16 31.24
N THR A 447 15.97 9.56 30.89
CA THR A 447 14.80 9.66 31.75
C THR A 447 14.98 8.83 33.02
N LEU A 448 15.69 7.72 32.93
CA LEU A 448 15.87 6.84 34.09
C LEU A 448 16.71 7.50 35.17
N VAL A 449 17.81 8.16 34.79
CA VAL A 449 18.69 8.75 35.78
C VAL A 449 18.05 9.98 36.41
N GLU A 450 17.12 10.63 35.70
CA GLU A 450 16.39 11.73 36.31
C GLU A 450 15.42 11.24 37.37
N LYS A 451 14.87 10.04 37.20
CA LYS A 451 13.99 9.47 38.22
C LYS A 451 14.75 8.90 39.40
N MET A 452 15.97 8.40 39.17
CA MET A 452 16.75 7.81 40.26
C MET A 452 17.27 8.88 41.21
N ASN A 453 18.01 9.86 40.68
CA ASN A 453 18.64 10.91 41.46
C ASN A 453 19.54 10.32 42.54
N VAL A 454 20.65 9.74 42.08
CA VAL A 454 21.54 9.01 42.97
C VAL A 454 22.23 9.94 43.95
N PHE A 455 22.45 11.20 43.56
CA PHE A 455 23.13 12.16 44.42
C PHE A 455 22.16 12.98 45.28
N ASN A 456 20.87 12.62 45.27
CA ASN A 456 19.87 13.29 46.11
C ASN A 456 19.82 14.79 45.83
N THR A 457 19.98 15.17 44.56
CA THR A 457 19.91 16.57 44.19
C THR A 457 18.48 17.08 44.35
N GLU A 458 18.36 18.40 44.51
CA GLU A 458 17.07 19.05 44.74
C GLU A 458 16.55 19.60 43.43
N VAL A 459 15.41 19.07 42.97
CA VAL A 459 14.86 19.44 41.67
C VAL A 459 13.37 19.73 41.80
N ARG A 460 12.89 19.88 43.04
CA ARG A 460 11.47 20.09 43.27
C ARG A 460 11.01 21.44 42.73
N ASN A 461 11.82 22.48 42.91
CA ASN A 461 11.48 23.83 42.49
C ASN A 461 12.09 24.20 41.15
N LEU A 462 12.77 23.28 40.47
CA LEU A 462 13.38 23.59 39.19
C LEU A 462 12.33 23.72 38.10
N SER A 463 12.64 24.55 37.10
CA SER A 463 11.76 24.70 35.95
C SER A 463 11.70 23.38 35.17
N LYS A 464 10.57 23.16 34.50
CA LYS A 464 10.39 21.93 33.74
C LYS A 464 11.43 21.80 32.64
N VAL A 465 11.80 22.91 32.00
CA VAL A 465 12.86 22.87 31.00
C VAL A 465 14.19 22.51 31.64
N GLU A 466 14.47 23.07 32.82
CA GLU A 466 15.69 22.72 33.54
C GLU A 466 15.57 21.34 34.18
N ARG A 467 14.36 20.92 34.54
CA ARG A 467 14.19 19.62 35.19
C ARG A 467 14.53 18.47 34.26
N ALA A 468 14.44 18.69 32.94
CA ALA A 468 14.63 17.61 31.99
C ALA A 468 16.03 17.02 32.09
N ASN A 469 17.06 17.87 32.10
CA ASN A 469 18.45 17.42 32.10
C ASN A 469 19.18 17.80 33.39
N ALA A 470 18.44 17.91 34.50
CA ALA A 470 19.05 18.36 35.75
C ALA A 470 20.00 17.32 36.31
N CYS A 471 19.49 16.11 36.62
CA CYS A 471 20.33 15.08 37.21
C CYS A 471 21.40 14.60 36.24
N ASN A 472 21.13 14.64 34.94
CA ASN A 472 22.14 14.24 33.96
C ASN A 472 23.33 15.17 33.98
N SER A 473 23.08 16.48 34.07
CA SER A 473 24.17 17.44 34.08
C SER A 473 25.06 17.29 35.29
N VAL A 474 24.48 16.93 36.44
CA VAL A 474 25.29 16.75 37.65
C VAL A 474 26.34 15.66 37.44
N ILE A 475 25.93 14.53 36.85
CA ILE A 475 26.88 13.45 36.60
C ILE A 475 27.92 13.88 35.56
N ARG A 476 27.53 14.71 34.61
CA ARG A 476 28.47 15.15 33.58
C ARG A 476 29.55 16.06 34.15
N GLN A 477 29.27 16.76 35.26
CA GLN A 477 30.28 17.60 35.87
C GLN A 477 31.39 16.77 36.51
N LEU A 478 31.07 15.56 36.97
CA LEU A 478 32.05 14.77 37.71
C LEU A 478 33.13 14.21 36.80
N MET A 479 32.73 13.62 35.67
CA MET A 479 33.66 12.97 34.75
C MET A 479 33.68 13.73 33.43
N LYS A 480 34.88 13.96 32.90
CA LYS A 480 35.06 14.62 31.62
C LYS A 480 35.11 13.56 30.53
N LYS A 481 34.10 13.53 29.67
CA LYS A 481 34.06 12.55 28.58
C LYS A 481 35.09 12.95 27.52
N GLU A 482 36.18 12.19 27.44
CA GLU A 482 37.25 12.49 26.48
C GLU A 482 36.80 12.19 25.06
N PHE A 483 36.63 10.90 24.73
CA PHE A 483 36.20 10.49 23.40
C PHE A 483 35.14 9.40 23.56
N THR A 484 34.60 8.96 22.42
CA THR A 484 33.53 7.98 22.39
C THR A 484 33.82 6.92 21.34
N LEU A 485 33.78 5.66 21.75
CA LEU A 485 33.84 4.53 20.81
C LEU A 485 32.42 4.19 20.39
N GLU A 486 32.06 4.51 19.16
CA GLU A 486 30.67 4.41 18.73
C GLU A 486 30.24 2.95 18.59
N PHE A 487 28.92 2.77 18.55
CA PHE A 487 28.34 1.43 18.44
C PHE A 487 28.66 0.80 17.10
N SER A 488 28.92 -0.50 17.12
CA SER A 488 29.09 -1.30 15.91
C SER A 488 28.46 -2.66 16.15
N ARG A 489 27.84 -3.23 15.12
CA ARG A 489 27.11 -4.47 15.28
C ARG A 489 27.99 -5.69 15.41
N ASP A 490 29.30 -5.57 15.17
CA ASP A 490 30.19 -6.72 15.33
C ASP A 490 30.39 -7.04 16.80
N ARG A 491 30.46 -6.02 17.66
CA ARG A 491 30.56 -6.22 19.09
C ARG A 491 29.29 -5.87 19.85
N LYS A 492 28.35 -5.15 19.22
CA LYS A 492 27.05 -4.84 19.81
C LYS A 492 27.19 -4.13 21.16
N SER A 493 27.99 -3.07 21.17
CA SER A 493 28.19 -2.27 22.37
C SER A 493 28.85 -0.96 21.98
N MET A 494 28.87 -0.03 22.93
CA MET A 494 29.63 1.21 22.80
C MET A 494 30.25 1.53 24.14
N SER A 495 31.17 2.50 24.15
CA SER A 495 31.83 2.90 25.39
C SER A 495 32.26 4.35 25.28
N VAL A 496 32.53 4.95 26.44
CA VAL A 496 33.03 6.32 26.52
C VAL A 496 34.22 6.33 27.47
N TYR A 497 35.22 7.16 27.15
CA TYR A 497 36.42 7.30 27.96
C TYR A 497 36.30 8.59 28.75
N CYS A 498 36.39 8.49 30.08
CA CYS A 498 36.13 9.62 30.96
C CYS A 498 37.26 9.80 31.96
N SER A 499 37.50 11.05 32.34
CA SER A 499 38.47 11.45 33.34
C SER A 499 37.79 12.30 34.40
N PRO A 500 38.25 12.21 35.65
CA PRO A 500 37.61 13.00 36.73
C PRO A 500 37.79 14.50 36.55
N ALA A 501 37.24 15.28 37.47
CA ALA A 501 37.35 16.73 37.40
C ALA A 501 38.36 17.25 38.42
N VAL A 508 41.67 9.51 41.86
CA VAL A 508 40.76 8.84 40.96
C VAL A 508 41.33 8.82 39.54
N GLY A 509 41.40 7.64 38.94
CA GLY A 509 41.96 7.48 37.61
C GLY A 509 40.88 7.43 36.53
N ASN A 510 41.36 7.31 35.29
CA ASN A 510 40.46 7.24 34.14
C ASN A 510 39.71 5.90 34.14
N LYS A 511 38.50 5.93 33.59
CA LYS A 511 37.67 4.74 33.49
C LYS A 511 36.88 4.79 32.19
N MET A 512 36.40 3.61 31.78
CA MET A 512 35.55 3.48 30.60
C MET A 512 34.20 2.91 31.02
N PHE A 513 33.13 3.49 30.49
CA PHE A 513 31.76 3.06 30.76
C PHE A 513 31.19 2.42 29.50
N VAL A 514 30.84 1.14 29.60
CA VAL A 514 30.42 0.34 28.45
C VAL A 514 28.95 -0.04 28.60
N LYS A 515 28.21 0.00 27.49
CA LYS A 515 26.85 -0.49 27.44
C LYS A 515 26.61 -1.16 26.10
N GLY A 516 25.76 -2.18 26.10
CA GLY A 516 25.46 -2.90 24.88
C GLY A 516 24.69 -4.17 25.18
N ALA A 517 24.61 -5.02 24.15
CA ALA A 517 23.86 -6.26 24.26
C ALA A 517 24.44 -7.11 25.40
N PRO A 518 23.59 -7.82 26.15
CA PRO A 518 24.09 -8.50 27.36
C PRO A 518 25.09 -9.60 27.10
N GLU A 519 24.91 -10.40 26.04
CA GLU A 519 25.78 -11.55 25.84
C GLU A 519 27.22 -11.12 25.56
N GLY A 520 27.41 -10.12 24.71
CA GLY A 520 28.75 -9.71 24.34
C GLY A 520 29.48 -8.99 25.48
N VAL A 521 28.75 -8.17 26.24
CA VAL A 521 29.39 -7.41 27.31
C VAL A 521 29.73 -8.30 28.50
N ILE A 522 28.83 -9.23 28.86
CA ILE A 522 29.07 -10.07 30.03
C ILE A 522 30.23 -11.03 29.78
N ASP A 523 30.35 -11.53 28.55
CA ASP A 523 31.48 -12.40 28.22
C ASP A 523 32.82 -11.68 28.31
N ARG A 524 32.82 -10.35 28.19
CA ARG A 524 34.03 -9.55 28.30
C ARG A 524 34.21 -8.98 29.71
N CYS A 525 33.41 -9.42 30.67
CA CYS A 525 33.55 -9.00 32.06
C CYS A 525 34.33 -10.07 32.82
N ASN A 526 35.38 -9.63 33.51
CA ASN A 526 36.14 -10.52 34.38
C ASN A 526 35.86 -10.30 35.86
N TYR A 527 35.20 -9.20 36.22
CA TYR A 527 34.89 -8.90 37.60
C TYR A 527 33.42 -8.52 37.71
N VAL A 528 32.96 -8.33 38.95
CA VAL A 528 31.57 -8.01 39.24
C VAL A 528 31.54 -6.95 40.33
N ARG A 529 30.83 -5.86 40.07
CA ARG A 529 30.70 -4.79 41.06
C ARG A 529 29.73 -5.21 42.15
N VAL A 530 30.11 -5.00 43.41
CA VAL A 530 29.23 -5.22 44.56
C VAL A 530 29.30 -3.95 45.39
N GLY A 531 28.39 -3.01 45.14
CA GLY A 531 28.42 -1.72 45.81
C GLY A 531 29.59 -0.88 45.36
N THR A 532 30.56 -0.67 46.25
CA THR A 532 31.80 0.02 45.91
C THR A 532 32.96 -0.94 45.68
N THR A 533 32.85 -2.18 46.13
CA THR A 533 33.88 -3.18 45.94
C THR A 533 33.61 -3.99 44.67
N ARG A 534 34.60 -4.81 44.29
CA ARG A 534 34.47 -5.66 43.12
C ARG A 534 35.01 -7.04 43.44
N VAL A 535 34.41 -8.04 42.80
CA VAL A 535 34.71 -9.46 43.03
C VAL A 535 34.95 -10.08 41.66
N PRO A 536 35.83 -11.08 41.54
CA PRO A 536 36.01 -11.72 40.23
C PRO A 536 34.74 -12.41 39.76
N MET A 537 34.52 -12.37 38.44
CA MET A 537 33.37 -13.03 37.84
C MET A 537 33.51 -14.54 37.93
N THR A 538 32.51 -15.20 38.48
CA THR A 538 32.49 -16.65 38.64
C THR A 538 31.31 -17.25 37.87
N GLY A 539 31.24 -18.58 37.90
CA GLY A 539 30.19 -19.31 37.23
C GLY A 539 28.80 -19.04 37.81
N PRO A 540 28.60 -19.38 39.08
CA PRO A 540 27.28 -19.18 39.70
C PRO A 540 26.73 -17.76 39.58
N VAL A 541 27.60 -16.76 39.53
CA VAL A 541 27.13 -15.39 39.34
C VAL A 541 26.75 -15.16 37.89
N LYS A 542 27.59 -15.63 36.95
CA LYS A 542 27.29 -15.45 35.53
C LYS A 542 26.03 -16.21 35.12
N GLU A 543 25.74 -17.34 35.76
CA GLU A 543 24.53 -18.08 35.45
C GLU A 543 23.29 -17.34 35.91
N LYS A 544 23.33 -16.74 37.11
CA LYS A 544 22.17 -16.03 37.61
C LYS A 544 21.96 -14.71 36.90
N ILE A 545 23.05 -14.07 36.46
CA ILE A 545 22.92 -12.83 35.70
C ILE A 545 22.18 -13.09 34.40
N LEU A 546 22.64 -14.07 33.62
CA LEU A 546 21.99 -14.40 32.36
C LEU A 546 20.59 -14.97 32.57
N SER A 547 20.34 -15.59 33.73
CA SER A 547 19.02 -16.13 34.02
C SER A 547 17.97 -15.03 34.07
N VAL A 548 18.30 -13.89 34.67
CA VAL A 548 17.34 -12.79 34.77
C VAL A 548 17.19 -12.09 33.43
N ILE A 549 18.22 -12.13 32.58
CA ILE A 549 18.11 -11.56 31.24
C ILE A 549 17.08 -12.33 30.43
N LYS A 550 17.05 -13.65 30.60
CA LYS A 550 16.13 -14.47 29.81
C LYS A 550 14.69 -14.27 30.25
N GLU A 551 14.47 -14.09 31.56
CA GLU A 551 13.11 -13.89 32.04
C GLU A 551 12.55 -12.54 31.63
N TRP A 552 13.40 -11.52 31.54
CA TRP A 552 12.92 -10.19 31.17
C TRP A 552 12.72 -10.06 29.66
N GLY A 553 13.49 -10.78 28.87
CA GLY A 553 13.41 -10.66 27.42
C GLY A 553 12.48 -11.66 26.77
N THR A 554 12.33 -12.83 27.38
CA THR A 554 11.47 -13.89 26.85
C THR A 554 10.15 -14.01 27.60
N GLY A 555 10.15 -13.74 28.90
CA GLY A 555 8.94 -13.80 29.67
C GLY A 555 7.93 -12.74 29.24
N ARG A 556 6.83 -12.71 29.97
CA ARG A 556 5.73 -11.80 29.67
C ARG A 556 6.11 -10.32 29.79
N ASP A 557 7.32 -10.01 30.24
CA ASP A 557 7.76 -8.62 30.29
C ASP A 557 8.16 -8.10 28.92
N THR A 558 8.80 -8.94 28.11
CA THR A 558 9.23 -8.61 26.75
C THR A 558 10.06 -7.33 26.73
N LEU A 559 11.07 -7.28 27.59
CA LEU A 559 11.93 -6.12 27.76
C LEU A 559 13.20 -6.26 26.93
N ARG A 560 13.68 -5.12 26.44
CA ARG A 560 14.99 -5.05 25.81
C ARG A 560 16.04 -4.73 26.87
N CYS A 561 17.01 -5.62 27.04
CA CYS A 561 17.98 -5.54 28.12
C CYS A 561 19.30 -4.96 27.60
N LEU A 562 19.90 -4.08 28.40
CA LEU A 562 21.22 -3.55 28.16
C LEU A 562 22.12 -3.89 29.35
N ALA A 563 23.27 -4.48 29.07
CA ALA A 563 24.27 -4.75 30.10
C ALA A 563 25.19 -3.55 30.24
N LEU A 564 25.37 -3.08 31.48
CA LEU A 564 26.22 -1.95 31.78
C LEU A 564 27.45 -2.43 32.52
N ALA A 565 28.64 -2.02 32.05
CA ALA A 565 29.90 -2.45 32.64
C ALA A 565 30.85 -1.26 32.73
N THR A 566 32.01 -1.51 33.33
CA THR A 566 33.03 -0.48 33.50
C THR A 566 34.40 -1.14 33.41
N ARG A 567 35.32 -0.48 32.71
CA ARG A 567 36.73 -0.90 32.70
C ARG A 567 37.46 -0.04 33.73
N ASP A 568 37.72 -0.63 34.91
CA ASP A 568 38.35 0.12 35.98
C ASP A 568 39.78 0.53 35.63
N THR A 569 40.49 -0.31 34.89
CA THR A 569 41.85 -0.04 34.44
C THR A 569 41.85 -0.01 32.91
N PRO A 570 41.45 1.11 32.31
CA PRO A 570 41.46 1.21 30.86
C PRO A 570 42.88 1.37 30.34
N PRO A 571 43.13 1.07 29.08
CA PRO A 571 44.46 1.33 28.51
C PRO A 571 44.74 2.82 28.46
N LYS A 572 46.03 3.14 28.35
CA LYS A 572 46.45 4.53 28.31
C LYS A 572 46.01 5.18 27.00
N ARG A 573 45.87 6.51 27.05
CA ARG A 573 45.34 7.25 25.90
C ARG A 573 46.23 7.05 24.66
N GLU A 574 47.54 7.08 24.85
CA GLU A 574 48.45 6.99 23.71
C GLU A 574 48.43 5.60 23.09
N GLU A 575 48.15 4.56 23.87
CA GLU A 575 48.15 3.19 23.38
C GLU A 575 46.87 2.81 22.65
N MET A 576 45.94 3.75 22.46
CA MET A 576 44.67 3.48 21.79
C MET A 576 44.63 4.17 20.43
N VAL A 577 44.07 3.48 19.45
CA VAL A 577 43.90 4.01 18.10
C VAL A 577 42.40 4.25 17.91
N LEU A 578 42.02 5.53 17.83
CA LEU A 578 40.62 5.93 17.75
C LEU A 578 40.10 5.98 16.32
N ASP A 579 40.75 5.26 15.39
CA ASP A 579 40.33 5.26 14.00
C ASP A 579 39.96 3.87 13.47
N ASP A 580 40.35 2.80 14.16
CA ASP A 580 40.05 1.44 13.74
C ASP A 580 38.93 0.91 14.63
N SER A 581 37.73 0.77 14.07
CA SER A 581 36.64 0.15 14.81
C SER A 581 36.89 -1.32 15.12
N SER A 582 37.93 -1.92 14.51
CA SER A 582 38.25 -3.31 14.80
C SER A 582 38.86 -3.47 16.19
N ARG A 583 39.60 -2.48 16.66
CA ARG A 583 40.25 -2.51 17.96
C ARG A 583 39.34 -2.05 19.08
N PHE A 584 38.12 -1.61 18.77
CA PHE A 584 37.23 -1.10 19.82
C PHE A 584 36.79 -2.20 20.78
N MET A 585 36.60 -3.43 20.28
CA MET A 585 36.22 -4.53 21.17
C MET A 585 37.37 -4.86 22.12
N GLU A 586 38.61 -4.84 21.64
CA GLU A 586 39.76 -5.07 22.50
C GLU A 586 39.83 -4.00 23.59
N TYR A 587 39.54 -2.75 23.24
CA TYR A 587 39.48 -1.68 24.23
C TYR A 587 38.37 -1.88 25.25
N GLU A 588 37.36 -2.69 24.92
CA GLU A 588 36.25 -2.95 25.84
C GLU A 588 36.33 -4.35 26.41
N THR A 589 37.49 -4.75 26.90
CA THR A 589 37.70 -6.06 27.49
C THR A 589 38.13 -5.90 28.95
N ASP A 590 38.14 -7.03 29.66
CA ASP A 590 38.49 -7.08 31.08
C ASP A 590 37.64 -6.08 31.87
N LEU A 591 36.33 -6.16 31.67
CA LEU A 591 35.38 -5.24 32.25
C LEU A 591 34.90 -5.73 33.62
N THR A 592 34.12 -4.88 34.28
CA THR A 592 33.49 -5.20 35.55
C THR A 592 31.99 -5.00 35.40
N PHE A 593 31.23 -6.07 35.57
CA PHE A 593 29.78 -6.01 35.47
C PHE A 593 29.21 -5.10 36.55
N VAL A 594 28.41 -4.13 36.15
CA VAL A 594 27.75 -3.19 37.05
C VAL A 594 26.27 -3.52 37.22
N GLY A 595 25.56 -3.72 36.11
CA GLY A 595 24.14 -4.02 36.19
C GLY A 595 23.51 -4.09 34.82
N VAL A 596 22.20 -4.31 34.82
CA VAL A 596 21.41 -4.48 33.60
C VAL A 596 20.12 -3.68 33.75
N VAL A 597 19.78 -2.89 32.72
CA VAL A 597 18.52 -2.17 32.67
C VAL A 597 17.64 -2.80 31.60
N GLY A 598 16.33 -2.78 31.84
CA GLY A 598 15.38 -3.38 30.92
C GLY A 598 14.25 -2.45 30.54
N MET A 599 14.20 -2.05 29.28
CA MET A 599 13.22 -1.08 28.80
C MET A 599 12.20 -1.76 27.90
N LEU A 600 11.03 -1.13 27.80
CA LEU A 600 9.90 -1.67 27.06
C LEU A 600 9.50 -0.73 25.94
N ASP A 601 9.28 -1.29 24.75
CA ASP A 601 8.59 -0.60 23.67
C ASP A 601 7.16 -1.13 23.66
N PRO A 602 6.20 -0.42 24.24
CA PRO A 602 4.88 -0.99 24.47
C PRO A 602 4.10 -1.13 23.18
N PRO A 603 3.33 -2.20 23.03
CA PRO A 603 2.40 -2.29 21.90
C PRO A 603 1.32 -1.24 22.00
N ARG A 604 0.81 -0.83 20.85
CA ARG A 604 -0.27 0.14 20.84
C ARG A 604 -1.56 -0.48 21.39
N LYS A 605 -2.44 0.39 21.90
CA LYS A 605 -3.65 -0.07 22.55
C LYS A 605 -4.52 -0.89 21.61
N GLU A 606 -4.66 -0.44 20.38
CA GLU A 606 -5.59 -1.03 19.42
C GLU A 606 -4.98 -2.20 18.65
N VAL A 607 -3.70 -2.51 18.85
CA VAL A 607 -3.05 -3.52 18.04
C VAL A 607 -3.51 -4.92 18.43
N MET A 608 -3.63 -5.19 19.73
CA MET A 608 -3.99 -6.53 20.17
C MET A 608 -5.39 -6.91 19.70
N GLY A 609 -6.30 -5.95 19.62
CA GLY A 609 -7.62 -6.24 19.06
C GLY A 609 -7.62 -6.41 17.56
N SER A 610 -6.75 -5.67 16.86
CA SER A 610 -6.68 -5.79 15.40
C SER A 610 -6.14 -7.15 14.99
N ILE A 611 -5.26 -7.75 15.80
CA ILE A 611 -4.78 -9.09 15.49
C ILE A 611 -5.90 -10.11 15.59
N GLN A 612 -6.82 -9.92 16.54
CA GLN A 612 -7.95 -10.83 16.66
C GLN A 612 -8.90 -10.69 15.48
N LEU A 613 -9.13 -9.46 15.01
CA LEU A 613 -9.92 -9.26 13.80
C LEU A 613 -9.31 -9.98 12.60
N CYS A 614 -7.97 -10.06 12.55
CA CYS A 614 -7.34 -10.68 11.40
C CYS A 614 -7.52 -12.19 11.40
N ARG A 615 -7.41 -12.83 12.57
CA ARG A 615 -7.61 -14.27 12.62
C ARG A 615 -9.09 -14.62 12.50
N ASP A 616 -9.98 -13.72 12.91
CA ASP A 616 -11.40 -13.92 12.66
C ASP A 616 -11.74 -13.78 11.18
N ALA A 617 -10.95 -13.00 10.44
CA ALA A 617 -11.15 -12.78 9.02
C ALA A 617 -10.19 -13.60 8.16
N GLY A 618 -9.51 -14.59 8.73
CA GLY A 618 -8.64 -15.43 7.96
C GLY A 618 -7.39 -14.76 7.42
N ILE A 619 -7.00 -13.62 8.00
CA ILE A 619 -5.84 -12.86 7.56
C ILE A 619 -4.68 -13.18 8.47
N ARG A 620 -3.57 -13.64 7.89
CA ARG A 620 -2.38 -13.96 8.65
C ARG A 620 -1.53 -12.71 8.86
N VAL A 621 -1.01 -12.56 10.08
CA VAL A 621 -0.15 -11.44 10.44
C VAL A 621 1.26 -11.97 10.66
N ILE A 622 2.23 -11.37 9.96
CA ILE A 622 3.63 -11.74 10.11
C ILE A 622 4.39 -10.54 10.64
N MET A 623 5.04 -10.70 11.78
CA MET A 623 5.79 -9.62 12.42
C MET A 623 7.22 -9.59 11.87
N ILE A 624 7.74 -8.38 11.70
CA ILE A 624 9.10 -8.16 11.23
C ILE A 624 9.78 -7.21 12.21
N THR A 625 10.78 -7.70 12.93
CA THR A 625 11.47 -6.94 13.98
C THR A 625 12.97 -6.88 13.71
N GLY A 626 13.66 -6.21 14.62
CA GLY A 626 15.11 -6.20 14.67
C GLY A 626 15.60 -6.78 15.99
N ASP A 627 14.66 -7.25 16.80
CA ASP A 627 15.00 -7.89 18.06
C ASP A 627 15.52 -9.30 17.81
N ASN A 628 16.05 -9.92 18.86
CA ASN A 628 16.50 -11.29 18.75
C ASN A 628 15.28 -12.22 18.67
N LYS A 629 15.55 -13.48 18.32
CA LYS A 629 14.47 -14.44 18.11
C LYS A 629 13.69 -14.69 19.39
N GLY A 630 14.37 -14.65 20.55
CA GLY A 630 13.68 -14.93 21.80
C GLY A 630 12.68 -13.85 22.17
N THR A 631 13.07 -12.57 22.02
CA THR A 631 12.15 -11.48 22.32
C THR A 631 11.07 -11.33 21.26
N ALA A 632 11.41 -11.60 19.99
CA ALA A 632 10.41 -11.50 18.93
C ALA A 632 9.27 -12.49 19.15
N ILE A 633 9.59 -13.73 19.51
CA ILE A 633 8.56 -14.71 19.84
C ILE A 633 7.77 -14.27 21.07
N ALA A 634 8.44 -13.58 22.00
CA ALA A 634 7.75 -13.12 23.21
C ALA A 634 6.78 -11.99 22.90
N ILE A 635 7.19 -11.05 22.06
CA ILE A 635 6.30 -9.95 21.67
C ILE A 635 5.10 -10.50 20.89
N CYS A 636 5.34 -11.51 20.04
CA CYS A 636 4.23 -12.14 19.33
C CYS A 636 3.21 -12.73 20.29
N ARG A 637 3.68 -13.45 21.32
CA ARG A 637 2.75 -13.99 22.31
C ARG A 637 2.04 -12.89 23.09
N ARG A 638 2.70 -11.75 23.27
CA ARG A 638 2.10 -10.67 24.05
C ARG A 638 0.94 -10.01 23.29
N ILE A 639 1.13 -9.76 21.99
CA ILE A 639 0.12 -9.01 21.23
C ILE A 639 -0.91 -9.92 20.56
N GLY A 640 -0.68 -11.23 20.53
CA GLY A 640 -1.68 -12.16 20.05
C GLY A 640 -1.34 -12.89 18.77
N ILE A 641 -0.13 -12.74 18.23
CA ILE A 641 0.24 -13.47 17.03
C ILE A 641 0.42 -14.95 17.36
N PHE A 642 1.01 -15.26 18.50
CA PHE A 642 1.15 -16.63 18.98
C PHE A 642 0.42 -16.79 20.30
N GLY A 643 0.13 -18.04 20.65
CA GLY A 643 -0.41 -18.32 21.96
C GLY A 643 0.66 -18.33 23.03
N GLU A 644 0.23 -18.27 24.29
CA GLU A 644 1.18 -18.26 25.39
C GLU A 644 1.95 -19.57 25.47
N ASN A 645 1.30 -20.69 25.18
CA ASN A 645 1.93 -22.01 25.22
C ASN A 645 1.69 -22.72 23.88
N GLU A 646 2.19 -22.12 22.81
CA GLU A 646 2.05 -22.65 21.46
C GLU A 646 3.43 -22.91 20.87
N GLU A 647 3.61 -24.08 20.27
CA GLU A 647 4.88 -24.42 19.66
C GLU A 647 5.12 -23.57 18.43
N VAL A 648 6.38 -23.14 18.25
CA VAL A 648 6.71 -22.18 17.20
C VAL A 648 8.08 -22.50 16.64
N ALA A 649 8.48 -23.78 16.71
CA ALA A 649 9.80 -24.17 16.23
C ALA A 649 9.97 -23.87 14.76
N ASP A 650 8.95 -24.17 13.95
CA ASP A 650 9.01 -23.97 12.51
C ASP A 650 8.14 -22.81 12.04
N ARG A 651 7.83 -21.87 12.92
CA ARG A 651 7.01 -20.72 12.57
C ARG A 651 7.71 -19.39 12.86
N ALA A 652 8.98 -19.42 13.25
CA ALA A 652 9.75 -18.20 13.50
C ALA A 652 11.18 -18.43 13.04
N TYR A 653 11.69 -17.49 12.25
CA TYR A 653 13.03 -17.61 11.68
C TYR A 653 13.76 -16.28 11.81
N THR A 654 15.09 -16.37 11.82
CA THR A 654 15.94 -15.19 11.78
C THR A 654 16.50 -15.03 10.37
N GLY A 655 17.26 -13.96 10.17
CA GLY A 655 17.87 -13.74 8.86
C GLY A 655 18.88 -14.81 8.50
N ARG A 656 19.70 -15.22 9.46
CA ARG A 656 20.71 -16.25 9.19
C ARG A 656 20.06 -17.63 9.06
N GLU A 657 19.04 -17.91 9.88
CA GLU A 657 18.33 -19.18 9.76
C GLU A 657 17.62 -19.30 8.42
N PHE A 658 17.09 -18.19 7.91
CA PHE A 658 16.36 -18.22 6.65
C PHE A 658 17.29 -18.40 5.46
N ASP A 659 18.51 -17.86 5.54
CA ASP A 659 19.46 -17.99 4.42
C ASP A 659 20.09 -19.38 4.38
N ASP A 660 20.31 -20.01 5.54
CA ASP A 660 20.91 -21.33 5.58
C ASP A 660 19.99 -22.42 5.04
N LEU A 661 18.72 -22.10 4.76
CA LEU A 661 17.76 -23.05 4.23
C LEU A 661 17.86 -23.13 2.71
N PRO A 662 17.63 -24.31 2.14
CA PRO A 662 17.51 -24.41 0.68
C PRO A 662 16.30 -23.63 0.18
N LEU A 663 16.30 -23.36 -1.13
CA LEU A 663 15.24 -22.54 -1.71
C LEU A 663 13.88 -23.20 -1.56
N ALA A 664 13.82 -24.53 -1.54
CA ALA A 664 12.55 -25.21 -1.35
C ALA A 664 12.05 -25.06 0.08
N GLU A 665 12.96 -25.15 1.06
CA GLU A 665 12.56 -24.99 2.45
C GLU A 665 12.19 -23.56 2.78
N GLN A 666 12.81 -22.58 2.10
CA GLN A 666 12.45 -21.18 2.29
C GLN A 666 11.02 -20.92 1.87
N ARG A 667 10.60 -21.50 0.74
CA ARG A 667 9.22 -21.34 0.30
C ARG A 667 8.26 -21.99 1.29
N GLU A 668 8.58 -23.19 1.76
CA GLU A 668 7.72 -23.87 2.73
C GLU A 668 7.73 -23.15 4.06
N ALA A 669 8.82 -22.46 4.40
CA ALA A 669 8.87 -21.70 5.65
C ALA A 669 7.92 -20.52 5.61
N CYS A 670 7.85 -19.80 4.49
CA CYS A 670 6.96 -18.66 4.37
C CYS A 670 5.49 -19.04 4.41
N ARG A 671 5.17 -20.32 4.13
CA ARG A 671 3.78 -20.75 4.15
C ARG A 671 3.20 -20.79 5.57
N ARG A 672 4.05 -20.92 6.59
CA ARG A 672 3.58 -21.05 7.96
C ARG A 672 4.20 -20.06 8.93
N ALA A 673 5.23 -19.33 8.54
CA ALA A 673 5.91 -18.44 9.46
C ALA A 673 5.08 -17.21 9.77
N CYS A 674 5.15 -16.75 11.02
CA CYS A 674 4.44 -15.55 11.45
C CYS A 674 5.36 -14.54 12.12
N CYS A 675 6.67 -14.76 12.09
CA CYS A 675 7.61 -13.89 12.78
C CYS A 675 8.98 -14.00 12.13
N PHE A 676 9.55 -12.85 11.76
CA PHE A 676 10.90 -12.79 11.20
C PHE A 676 11.68 -11.72 11.94
N ALA A 677 12.76 -12.14 12.60
CA ALA A 677 13.58 -11.25 13.42
C ALA A 677 14.96 -11.08 12.81
N ARG A 678 15.44 -9.83 12.80
CA ARG A 678 16.76 -9.47 12.27
C ARG A 678 16.95 -9.99 10.85
N VAL A 679 16.21 -9.37 9.95
CA VAL A 679 16.18 -9.79 8.55
C VAL A 679 17.12 -8.91 7.74
N GLU A 680 17.68 -9.50 6.69
CA GLU A 680 18.51 -8.78 5.75
C GLU A 680 17.63 -7.99 4.79
N PRO A 681 18.20 -6.98 4.11
CA PRO A 681 17.35 -6.12 3.25
C PRO A 681 16.67 -6.87 2.13
N SER A 682 17.28 -7.94 1.59
CA SER A 682 16.69 -8.68 0.49
C SER A 682 15.61 -9.64 0.93
N HIS A 683 15.37 -9.79 2.23
CA HIS A 683 14.42 -10.80 2.71
C HIS A 683 12.97 -10.36 2.54
N LYS A 684 12.69 -9.06 2.60
CA LYS A 684 11.32 -8.60 2.40
C LYS A 684 10.82 -8.95 1.01
N SER A 685 11.65 -8.74 -0.02
CA SER A 685 11.23 -9.07 -1.38
C SER A 685 11.15 -10.58 -1.60
N LYS A 686 12.02 -11.35 -0.94
CA LYS A 686 11.96 -12.80 -1.10
C LYS A 686 10.74 -13.38 -0.41
N ILE A 687 10.35 -12.81 0.74
CA ILE A 687 9.15 -13.29 1.43
C ILE A 687 7.92 -13.01 0.59
N VAL A 688 7.87 -11.85 -0.08
CA VAL A 688 6.73 -11.54 -0.94
C VAL A 688 6.63 -12.54 -2.07
N GLU A 689 7.76 -12.89 -2.70
CA GLU A 689 7.73 -13.84 -3.80
C GLU A 689 7.25 -15.20 -3.35
N TYR A 690 7.70 -15.66 -2.18
CA TYR A 690 7.26 -16.96 -1.67
C TYR A 690 5.79 -16.94 -1.31
N LEU A 691 5.28 -15.81 -0.82
CA LEU A 691 3.84 -15.71 -0.54
C LEU A 691 3.03 -15.71 -1.82
N GLN A 692 3.52 -15.00 -2.85
CA GLN A 692 2.86 -15.00 -4.15
C GLN A 692 2.92 -16.37 -4.83
N SER A 693 3.91 -17.20 -4.51
CA SER A 693 3.96 -18.54 -5.08
C SER A 693 2.82 -19.41 -4.56
N TYR A 694 2.31 -19.11 -3.37
CA TYR A 694 1.11 -19.74 -2.84
C TYR A 694 -0.15 -18.95 -3.16
N ASP A 695 -0.06 -18.02 -4.12
CA ASP A 695 -1.19 -17.22 -4.57
C ASP A 695 -1.80 -16.38 -3.44
N GLU A 696 -0.99 -16.02 -2.46
CA GLU A 696 -1.44 -15.10 -1.42
C GLU A 696 -1.55 -13.69 -1.99
N ILE A 697 -2.30 -12.85 -1.29
CA ILE A 697 -2.41 -11.43 -1.60
C ILE A 697 -1.79 -10.69 -0.42
N THR A 698 -0.57 -10.18 -0.62
CA THR A 698 0.31 -9.77 0.45
C THR A 698 0.32 -8.26 0.62
N ALA A 699 0.27 -7.81 1.88
CA ALA A 699 0.53 -6.42 2.24
C ALA A 699 1.84 -6.36 3.00
N MET A 700 2.71 -5.43 2.62
CA MET A 700 4.02 -5.27 3.23
C MET A 700 4.24 -3.82 3.61
N THR A 701 4.81 -3.60 4.79
CA THR A 701 5.13 -2.27 5.29
C THR A 701 6.59 -1.92 5.02
N GLY A 702 6.87 -0.62 5.04
CA GLY A 702 8.23 -0.14 4.86
C GLY A 702 8.25 1.37 4.89
N ASP A 703 9.46 1.93 5.00
CA ASP A 703 9.55 3.39 5.02
C ASP A 703 10.89 3.92 4.52
N GLY A 704 11.67 3.15 3.76
CA GLY A 704 12.92 3.63 3.21
C GLY A 704 13.08 3.19 1.76
N VAL A 705 14.10 3.75 1.11
CA VAL A 705 14.46 3.32 -0.24
C VAL A 705 14.82 1.85 -0.23
N ASN A 706 15.38 1.34 0.87
CA ASN A 706 15.63 -0.08 0.99
C ASN A 706 14.34 -0.88 0.88
N ASP A 707 13.26 -0.39 1.49
CA ASP A 707 11.98 -1.07 1.45
C ASP A 707 11.22 -0.87 0.14
N ALA A 708 11.63 0.08 -0.69
CA ALA A 708 10.89 0.37 -1.91
C ALA A 708 10.75 -0.82 -2.85
N PRO A 709 11.79 -1.63 -3.11
CA PRO A 709 11.57 -2.80 -4.00
C PRO A 709 10.49 -3.74 -3.48
N ALA A 710 10.45 -4.01 -2.18
CA ALA A 710 9.44 -4.91 -1.65
C ALA A 710 8.05 -4.27 -1.68
N LEU A 711 7.97 -2.96 -1.42
CA LEU A 711 6.67 -2.29 -1.45
C LEU A 711 6.03 -2.37 -2.83
N LYS A 712 6.85 -2.25 -3.89
CA LYS A 712 6.31 -2.38 -5.24
C LYS A 712 5.98 -3.82 -5.59
N LYS A 713 6.77 -4.78 -5.08
CA LYS A 713 6.54 -6.18 -5.39
C LYS A 713 5.24 -6.68 -4.77
N ALA A 714 4.97 -6.27 -3.53
CA ALA A 714 3.78 -6.74 -2.84
C ALA A 714 2.52 -6.17 -3.48
N GLU A 715 1.41 -6.88 -3.32
CA GLU A 715 0.14 -6.43 -3.89
C GLU A 715 -0.28 -5.10 -3.30
N ILE A 716 -0.02 -4.89 -2.01
CA ILE A 716 -0.37 -3.65 -1.31
C ILE A 716 0.86 -3.21 -0.52
N GLY A 717 1.67 -2.36 -1.12
CA GLY A 717 2.77 -1.75 -0.37
C GLY A 717 2.21 -0.70 0.58
N ILE A 718 2.68 -0.73 1.82
CA ILE A 718 2.18 0.15 2.86
C ILE A 718 3.34 1.00 3.36
N ALA A 719 3.18 2.32 3.29
CA ALA A 719 4.17 3.27 3.75
C ALA A 719 3.70 3.96 5.02
N MET A 720 4.62 4.68 5.65
CA MET A 720 4.34 5.44 6.86
C MET A 720 4.18 6.91 6.51
N GLY A 721 3.30 7.59 7.26
CA GLY A 721 3.15 9.02 7.09
C GLY A 721 4.44 9.78 7.35
N SER A 722 5.25 9.27 8.28
CA SER A 722 6.57 9.84 8.58
C SER A 722 7.68 9.23 7.74
N GLY A 723 7.37 8.28 6.88
CA GLY A 723 8.37 7.62 6.06
C GLY A 723 8.88 8.52 4.95
N THR A 724 9.85 7.98 4.20
CA THR A 724 10.47 8.72 3.12
C THR A 724 9.50 8.92 1.96
N ALA A 725 9.84 9.87 1.08
CA ALA A 725 8.96 10.15 -0.06
C ALA A 725 8.99 9.01 -1.06
N VAL A 726 10.16 8.40 -1.28
CA VAL A 726 10.26 7.28 -2.22
C VAL A 726 9.42 6.11 -1.72
N ALA A 727 9.41 5.87 -0.40
CA ALA A 727 8.62 4.78 0.14
C ALA A 727 7.13 5.01 -0.04
N LYS A 728 6.69 6.28 -0.01
CA LYS A 728 5.28 6.57 -0.22
C LYS A 728 4.89 6.39 -1.69
N THR A 729 5.69 6.94 -2.60
CA THR A 729 5.41 6.85 -4.03
C THR A 729 5.53 5.43 -4.57
N ALA A 730 6.08 4.50 -3.78
CA ALA A 730 6.18 3.11 -4.18
C ALA A 730 5.15 2.23 -3.47
N SER A 731 4.16 2.84 -2.82
CA SER A 731 3.18 2.12 -2.03
C SER A 731 1.78 2.45 -2.53
N GLU A 732 0.85 1.55 -2.22
CA GLU A 732 -0.56 1.76 -2.57
C GLU A 732 -1.31 2.50 -1.47
N MET A 733 -0.90 2.35 -0.22
CA MET A 733 -1.57 2.98 0.90
C MET A 733 -0.54 3.51 1.89
N VAL A 734 -0.82 4.68 2.46
CA VAL A 734 0.06 5.34 3.41
C VAL A 734 -0.68 5.52 4.73
N LEU A 735 -0.08 5.04 5.81
CA LEU A 735 -0.68 5.17 7.13
C LEU A 735 -0.36 6.55 7.70
N ALA A 736 -1.39 7.36 7.92
CA ALA A 736 -1.16 8.72 8.40
C ALA A 736 -0.63 8.71 9.83
N ASP A 737 -1.11 7.80 10.66
CA ASP A 737 -0.67 7.70 12.04
C ASP A 737 0.31 6.56 12.28
N ASP A 738 0.82 5.94 11.21
CA ASP A 738 1.76 4.83 11.26
C ASP A 738 1.24 3.62 12.02
N ASN A 739 -0.05 3.62 12.37
CA ASN A 739 -0.60 2.58 13.24
C ASN A 739 -0.94 1.32 12.45
N PHE A 740 -0.68 0.16 13.05
CA PHE A 740 -1.03 -1.11 12.43
C PHE A 740 -2.54 -1.27 12.34
N SER A 741 -3.29 -0.67 13.27
CA SER A 741 -4.74 -0.80 13.24
C SER A 741 -5.33 -0.15 12.00
N THR A 742 -4.65 0.84 11.43
CA THR A 742 -5.13 1.49 10.22
C THR A 742 -5.17 0.52 9.04
N ILE A 743 -4.25 -0.44 9.02
CA ILE A 743 -4.26 -1.46 7.97
C ILE A 743 -5.54 -2.29 8.04
N VAL A 744 -5.86 -2.78 9.24
CA VAL A 744 -7.01 -3.68 9.41
C VAL A 744 -8.32 -2.94 9.13
N ALA A 745 -8.38 -1.67 9.55
CA ALA A 745 -9.56 -0.86 9.27
C ALA A 745 -9.75 -0.62 7.78
N ALA A 746 -8.66 -0.50 7.03
CA ALA A 746 -8.79 -0.30 5.59
C ALA A 746 -9.17 -1.60 4.88
N VAL A 747 -8.76 -2.75 5.41
CA VAL A 747 -9.17 -4.02 4.83
C VAL A 747 -10.67 -4.24 5.05
N GLU A 748 -11.17 -3.89 6.24
CA GLU A 748 -12.60 -3.99 6.49
C GLU A 748 -13.40 -3.12 5.52
N GLU A 749 -12.90 -1.91 5.24
CA GLU A 749 -13.60 -1.03 4.31
C GLU A 749 -13.53 -1.54 2.88
N GLY A 750 -12.40 -2.11 2.49
CA GLY A 750 -12.28 -2.67 1.15
C GLY A 750 -13.18 -3.87 0.93
N ARG A 751 -13.48 -4.62 2.00
CA ARG A 751 -14.45 -5.69 1.90
C ARG A 751 -15.87 -5.13 1.82
N ALA A 752 -16.15 -4.08 2.60
CA ALA A 752 -17.48 -3.47 2.58
C ALA A 752 -17.75 -2.80 1.23
N ILE A 753 -16.73 -2.20 0.63
CA ILE A 753 -16.92 -1.53 -0.66
C ILE A 753 -17.16 -2.57 -1.76
N TYR A 754 -16.47 -3.70 -1.71
CA TYR A 754 -16.62 -4.70 -2.76
C TYR A 754 -17.99 -5.37 -2.70
N ASN A 755 -18.50 -5.62 -1.50
CA ASN A 755 -19.82 -6.21 -1.36
C ASN A 755 -20.89 -5.33 -2.00
N ASN A 756 -20.81 -4.01 -1.78
CA ASN A 756 -21.70 -3.10 -2.48
C ASN A 756 -21.34 -2.98 -3.95
N MET A 757 -20.05 -3.07 -4.28
CA MET A 757 -19.61 -2.90 -5.66
C MET A 757 -20.15 -4.01 -6.55
N LYS A 758 -20.04 -5.27 -6.10
CA LYS A 758 -20.53 -6.38 -6.91
C LYS A 758 -22.05 -6.37 -7.03
N GLN A 759 -22.76 -5.67 -6.15
CA GLN A 759 -24.21 -5.62 -6.26
C GLN A 759 -24.66 -4.72 -7.39
N PHE A 760 -24.10 -3.52 -7.50
CA PHE A 760 -24.48 -2.67 -8.62
C PHE A 760 -23.75 -3.03 -9.90
N ILE A 761 -22.78 -3.95 -9.85
CA ILE A 761 -22.25 -4.52 -11.08
C ILE A 761 -23.20 -5.57 -11.63
N ARG A 762 -23.69 -6.46 -10.77
CA ARG A 762 -24.71 -7.41 -11.19
C ARG A 762 -26.00 -6.72 -11.62
N TYR A 763 -26.27 -5.54 -11.06
CA TYR A 763 -27.48 -4.80 -11.41
C TYR A 763 -27.40 -4.24 -12.82
N LEU A 764 -26.33 -3.51 -13.13
CA LEU A 764 -26.21 -2.91 -14.45
C LEU A 764 -26.00 -3.97 -15.54
N ILE A 765 -25.29 -5.04 -15.23
CA ILE A 765 -25.02 -6.07 -16.23
C ILE A 765 -26.30 -6.83 -16.57
N SER A 766 -27.15 -7.09 -15.57
CA SER A 766 -28.40 -7.78 -15.86
C SER A 766 -29.33 -6.94 -16.72
N SER A 767 -29.28 -5.61 -16.58
CA SER A 767 -30.05 -4.75 -17.46
C SER A 767 -29.55 -4.83 -18.89
N ASN A 768 -28.23 -4.91 -19.08
CA ASN A 768 -27.68 -5.04 -20.42
C ASN A 768 -28.06 -6.37 -21.05
N VAL A 769 -28.30 -7.40 -20.24
CA VAL A 769 -28.76 -8.68 -20.78
C VAL A 769 -30.17 -8.53 -21.33
N GLY A 770 -31.08 -7.98 -20.53
CA GLY A 770 -32.45 -7.79 -20.99
C GLY A 770 -32.56 -6.84 -22.15
N GLU A 771 -31.68 -5.84 -22.22
CA GLU A 771 -31.68 -4.92 -23.35
C GLU A 771 -31.26 -5.62 -24.64
N VAL A 772 -30.32 -6.58 -24.55
CA VAL A 772 -29.90 -7.29 -25.75
C VAL A 772 -30.97 -8.27 -26.20
N VAL A 773 -31.66 -8.90 -25.24
CA VAL A 773 -32.80 -9.75 -25.60
C VAL A 773 -33.87 -8.93 -26.29
N CYS A 774 -34.05 -7.66 -25.89
CA CYS A 774 -35.02 -6.80 -26.54
C CYS A 774 -34.62 -6.52 -27.98
N ILE A 775 -33.35 -6.20 -28.22
CA ILE A 775 -32.90 -5.92 -29.58
C ILE A 775 -32.88 -7.19 -30.42
N PHE A 776 -32.61 -8.34 -29.80
CA PHE A 776 -32.58 -9.59 -30.56
C PHE A 776 -33.98 -10.00 -31.00
N LEU A 777 -34.98 -9.83 -30.12
CA LEU A 777 -36.34 -10.16 -30.49
C LEU A 777 -36.85 -9.27 -31.62
N THR A 778 -36.41 -8.00 -31.65
CA THR A 778 -36.79 -7.11 -32.74
C THR A 778 -36.28 -7.62 -34.08
N ALA A 779 -35.00 -8.01 -34.13
CA ALA A 779 -34.42 -8.47 -35.38
C ALA A 779 -34.93 -9.84 -35.76
N ALA A 780 -35.07 -10.75 -34.80
CA ALA A 780 -35.46 -12.12 -35.11
C ALA A 780 -36.89 -12.21 -35.62
N LEU A 781 -37.75 -11.26 -35.24
CA LEU A 781 -39.14 -11.27 -35.67
C LEU A 781 -39.43 -10.25 -36.76
N GLY A 782 -38.54 -9.30 -37.00
CA GLY A 782 -38.77 -8.28 -38.01
C GLY A 782 -39.69 -7.17 -37.56
N LEU A 783 -39.70 -6.85 -36.27
CA LEU A 783 -40.55 -5.80 -35.74
C LEU A 783 -39.86 -4.45 -35.85
N PRO A 784 -40.62 -3.35 -35.72
CA PRO A 784 -39.98 -2.04 -35.64
C PRO A 784 -39.13 -1.92 -34.39
N GLU A 785 -38.16 -1.01 -34.43
CA GLU A 785 -37.28 -0.79 -33.30
C GLU A 785 -38.06 -0.32 -32.08
N ALA A 786 -38.16 -1.17 -31.06
CA ALA A 786 -38.83 -0.81 -29.83
C ALA A 786 -37.99 0.07 -28.92
N LEU A 787 -36.66 -0.01 -29.03
CA LEU A 787 -35.77 0.82 -28.24
C LEU A 787 -34.67 1.38 -29.14
N ILE A 788 -34.36 2.67 -28.93
CA ILE A 788 -33.39 3.39 -29.75
C ILE A 788 -32.08 3.50 -28.97
N PRO A 789 -30.92 3.39 -29.63
CA PRO A 789 -29.65 3.62 -28.93
C PRO A 789 -29.61 4.90 -28.11
N VAL A 790 -30.30 5.95 -28.56
CA VAL A 790 -30.34 7.19 -27.77
C VAL A 790 -31.04 6.96 -26.45
N GLN A 791 -32.14 6.19 -26.46
CA GLN A 791 -32.84 5.89 -25.22
C GLN A 791 -32.03 4.96 -24.33
N LEU A 792 -31.38 3.95 -24.94
CA LEU A 792 -30.60 3.01 -24.16
C LEU A 792 -29.43 3.69 -23.47
N LEU A 793 -28.84 4.71 -24.09
CA LEU A 793 -27.74 5.43 -23.46
C LEU A 793 -28.22 6.21 -22.24
N TRP A 794 -29.41 6.81 -22.32
CA TRP A 794 -29.94 7.55 -21.19
C TRP A 794 -30.22 6.63 -20.00
N VAL A 795 -30.72 5.42 -20.27
CA VAL A 795 -31.01 4.49 -19.19
C VAL A 795 -29.73 4.00 -18.53
N ASN A 796 -28.72 3.66 -19.34
CA ASN A 796 -27.49 3.10 -18.80
C ASN A 796 -26.64 4.15 -18.09
N LEU A 797 -26.74 5.41 -18.51
CA LEU A 797 -25.92 6.46 -17.92
C LEU A 797 -26.61 7.18 -16.77
N VAL A 798 -27.91 7.41 -16.88
CA VAL A 798 -28.62 8.25 -15.91
C VAL A 798 -29.67 7.44 -15.16
N THR A 799 -30.61 6.83 -15.89
CA THR A 799 -31.74 6.17 -15.24
C THR A 799 -31.29 5.02 -14.36
N ASP A 800 -30.34 4.22 -14.83
CA ASP A 800 -29.82 3.13 -14.02
C ASP A 800 -28.56 3.50 -13.25
N GLY A 801 -27.90 4.60 -13.63
CA GLY A 801 -26.70 5.01 -12.93
C GLY A 801 -26.97 5.54 -11.54
N LEU A 802 -28.10 6.23 -11.34
CA LEU A 802 -28.41 6.76 -10.02
C LEU A 802 -28.73 5.66 -9.02
N PRO A 803 -29.59 4.67 -9.31
CA PRO A 803 -29.76 3.57 -8.36
C PRO A 803 -28.52 2.70 -8.22
N ALA A 804 -27.65 2.66 -9.22
CA ALA A 804 -26.41 1.89 -9.10
C ALA A 804 -25.48 2.53 -8.07
N THR A 805 -25.33 3.86 -8.12
CA THR A 805 -24.57 4.56 -7.08
C THR A 805 -25.18 4.34 -5.70
N ALA A 806 -26.51 4.36 -5.62
CA ALA A 806 -27.17 4.14 -4.34
C ALA A 806 -26.93 2.74 -3.80
N LEU A 807 -26.74 1.76 -4.68
CA LEU A 807 -26.39 0.41 -4.23
C LEU A 807 -25.00 0.35 -3.63
N GLY A 808 -24.12 1.29 -3.99
CA GLY A 808 -22.83 1.41 -3.35
C GLY A 808 -22.89 1.84 -1.90
N PHE A 809 -24.03 2.37 -1.46
CA PHE A 809 -24.24 2.75 -0.07
C PHE A 809 -25.07 1.72 0.69
N ASN A 810 -25.08 0.48 0.25
CA ASN A 810 -25.78 -0.57 0.97
C ASN A 810 -25.11 -0.80 2.32
N PRO A 811 -25.90 -1.04 3.37
CA PRO A 811 -25.32 -1.35 4.68
C PRO A 811 -24.50 -2.63 4.61
N PRO A 812 -23.29 -2.63 5.15
CA PRO A 812 -22.45 -3.83 5.07
C PRO A 812 -22.92 -4.90 6.04
N ASP A 813 -22.49 -6.12 5.78
CA ASP A 813 -22.83 -7.25 6.63
C ASP A 813 -22.09 -7.15 7.97
N LEU A 814 -22.79 -7.50 9.05
CA LEU A 814 -22.20 -7.44 10.38
C LEU A 814 -21.20 -8.57 10.63
N ASP A 815 -21.16 -9.59 9.76
CA ASP A 815 -20.20 -10.68 9.86
C ASP A 815 -19.12 -10.58 8.79
N ILE A 816 -18.85 -9.36 8.30
CA ILE A 816 -17.96 -9.20 7.16
C ILE A 816 -16.52 -9.48 7.54
N MET A 817 -16.13 -9.21 8.78
CA MET A 817 -14.80 -9.55 9.28
C MET A 817 -14.77 -10.91 9.95
N ASP A 818 -15.85 -11.68 9.87
CA ASP A 818 -15.91 -13.04 10.39
C ASP A 818 -15.84 -14.07 9.27
N ARG A 819 -15.40 -13.67 8.08
CA ARG A 819 -15.33 -14.54 6.93
C ARG A 819 -13.93 -14.50 6.34
N PRO A 820 -13.45 -15.60 5.79
CA PRO A 820 -12.10 -15.63 5.21
C PRO A 820 -11.99 -14.69 4.03
N PRO A 821 -10.76 -14.33 3.62
CA PRO A 821 -10.61 -13.43 2.48
C PRO A 821 -11.13 -14.05 1.19
N ARG A 822 -11.67 -13.21 0.32
CA ARG A 822 -12.29 -13.67 -0.90
C ARG A 822 -11.25 -14.18 -1.90
N SER A 823 -11.57 -15.30 -2.54
CA SER A 823 -10.71 -15.83 -3.59
C SER A 823 -10.65 -14.83 -4.75
N PRO A 824 -9.46 -14.52 -5.27
CA PRO A 824 -9.36 -13.52 -6.35
C PRO A 824 -10.06 -13.94 -7.64
N LYS A 825 -10.22 -15.24 -7.87
CA LYS A 825 -10.80 -15.75 -9.10
C LYS A 825 -12.29 -16.07 -8.96
N GLU A 826 -12.95 -15.53 -7.95
CA GLU A 826 -14.37 -15.79 -7.75
C GLU A 826 -15.19 -15.00 -8.76
N PRO A 827 -15.93 -15.65 -9.65
CA PRO A 827 -16.74 -14.91 -10.63
C PRO A 827 -17.86 -14.15 -9.95
N LEU A 828 -18.27 -13.05 -10.61
CA LEU A 828 -19.34 -12.22 -10.07
C LEU A 828 -20.71 -12.84 -10.32
N ILE A 829 -20.91 -13.46 -11.48
CA ILE A 829 -22.17 -14.08 -11.85
C ILE A 829 -21.87 -15.49 -12.37
N SER A 830 -22.43 -16.49 -11.71
CA SER A 830 -22.25 -17.89 -12.10
C SER A 830 -23.26 -18.74 -11.35
N GLY A 831 -23.36 -19.99 -11.76
CA GLY A 831 -24.23 -20.93 -11.06
C GLY A 831 -25.69 -20.53 -11.18
N TRP A 832 -26.39 -20.55 -10.04
CA TRP A 832 -27.81 -20.22 -10.05
C TRP A 832 -28.05 -18.73 -10.33
N LEU A 833 -27.12 -17.86 -9.93
CA LEU A 833 -27.27 -16.45 -10.24
C LEU A 833 -27.15 -16.20 -11.74
N PHE A 834 -26.36 -17.02 -12.44
CA PHE A 834 -26.32 -16.95 -13.89
C PHE A 834 -27.69 -17.29 -14.49
N PHE A 835 -28.38 -18.25 -13.90
CA PHE A 835 -29.71 -18.63 -14.38
C PHE A 835 -30.74 -17.55 -14.06
N ARG A 836 -30.60 -16.88 -12.92
CA ARG A 836 -31.57 -15.84 -12.55
C ARG A 836 -31.54 -14.68 -13.52
N TYR A 837 -30.35 -14.13 -13.79
CA TYR A 837 -30.23 -13.00 -14.69
C TYR A 837 -30.51 -13.37 -16.14
N MET A 838 -30.54 -14.66 -16.46
CA MET A 838 -31.06 -15.09 -17.75
C MET A 838 -32.59 -15.00 -17.79
N ALA A 839 -33.25 -15.42 -16.71
CA ALA A 839 -34.70 -15.31 -16.64
C ALA A 839 -35.14 -13.85 -16.55
N ILE A 840 -34.45 -13.04 -15.75
CA ILE A 840 -34.74 -11.62 -15.71
C ILE A 840 -34.46 -10.98 -17.06
N GLY A 841 -33.40 -11.43 -17.74
CA GLY A 841 -33.10 -10.92 -19.07
C GLY A 841 -34.11 -11.38 -20.09
N GLY A 842 -34.55 -12.64 -20.01
CA GLY A 842 -35.62 -13.11 -20.87
C GLY A 842 -36.94 -12.44 -20.58
N TYR A 843 -37.13 -11.97 -19.35
CA TYR A 843 -38.35 -11.24 -19.02
C TYR A 843 -38.30 -9.81 -19.53
N VAL A 844 -37.19 -9.11 -19.29
CA VAL A 844 -37.07 -7.73 -19.73
C VAL A 844 -37.15 -7.64 -21.25
N GLY A 845 -36.50 -8.57 -21.95
CA GLY A 845 -36.55 -8.56 -23.40
C GLY A 845 -37.96 -8.76 -23.93
N ALA A 846 -38.71 -9.69 -23.34
CA ALA A 846 -40.09 -9.93 -23.79
C ALA A 846 -41.05 -8.85 -23.31
N ALA A 847 -40.78 -8.23 -22.16
CA ALA A 847 -41.70 -7.23 -21.65
C ALA A 847 -41.55 -5.90 -22.36
N THR A 848 -40.39 -5.64 -22.96
CA THR A 848 -40.15 -4.38 -23.66
C THR A 848 -40.69 -4.40 -25.09
N VAL A 849 -40.38 -5.45 -25.86
CA VAL A 849 -40.90 -5.54 -27.22
C VAL A 849 -42.40 -5.81 -27.20
N GLY A 850 -42.91 -6.43 -26.14
CA GLY A 850 -44.34 -6.65 -26.03
C GLY A 850 -45.12 -5.39 -25.71
N ALA A 851 -44.50 -4.44 -25.01
CA ALA A 851 -45.18 -3.19 -24.70
C ALA A 851 -45.37 -2.34 -25.94
N ALA A 852 -44.41 -2.37 -26.87
CA ALA A 852 -44.55 -1.64 -28.12
C ALA A 852 -45.52 -2.36 -29.06
N ALA A 853 -45.49 -3.69 -29.08
CA ALA A 853 -46.43 -4.45 -29.89
C ALA A 853 -47.85 -4.31 -29.37
N TRP A 854 -48.01 -4.10 -28.06
CA TRP A 854 -49.34 -3.85 -27.50
C TRP A 854 -49.92 -2.56 -28.04
N TRP A 855 -49.08 -1.52 -28.19
CA TRP A 855 -49.56 -0.27 -28.75
C TRP A 855 -49.85 -0.40 -30.24
N PHE A 856 -49.12 -1.27 -30.93
CA PHE A 856 -49.31 -1.45 -32.37
C PHE A 856 -50.45 -2.39 -32.71
N MET A 857 -51.08 -3.03 -31.72
CA MET A 857 -52.11 -4.01 -32.02
C MET A 857 -53.34 -3.84 -31.15
N TYR A 858 -53.22 -4.14 -29.87
CA TYR A 858 -54.36 -4.18 -28.96
C TYR A 858 -54.61 -2.86 -28.25
N ALA A 859 -53.94 -1.77 -28.66
CA ALA A 859 -54.13 -0.50 -28.01
C ALA A 859 -55.40 0.18 -28.49
N GLU A 860 -56.08 0.87 -27.58
CA GLU A 860 -57.28 1.62 -27.95
C GLU A 860 -56.92 2.85 -28.79
N ASP A 861 -55.80 3.49 -28.47
CA ASP A 861 -55.35 4.68 -29.20
C ASP A 861 -54.41 4.34 -30.35
N GLY A 862 -54.16 3.06 -30.60
CA GLY A 862 -53.29 2.65 -31.68
C GLY A 862 -54.01 1.78 -32.69
N PRO A 863 -53.44 1.64 -33.88
CA PRO A 863 -54.10 0.81 -34.91
C PRO A 863 -54.04 -0.66 -34.55
N GLY A 864 -55.04 -1.40 -35.05
CA GLY A 864 -55.09 -2.83 -34.84
C GLY A 864 -54.29 -3.59 -35.87
N VAL A 865 -53.00 -3.25 -35.99
CA VAL A 865 -52.14 -3.87 -36.98
C VAL A 865 -52.02 -5.35 -36.70
N THR A 866 -52.17 -6.18 -37.73
CA THR A 866 -52.01 -7.61 -37.56
C THR A 866 -50.55 -7.96 -37.35
N TYR A 867 -50.30 -9.19 -36.89
CA TYR A 867 -48.94 -9.63 -36.65
C TYR A 867 -48.15 -9.71 -37.94
N HIS A 868 -48.80 -10.10 -39.05
CA HIS A 868 -48.14 -10.14 -40.34
C HIS A 868 -47.71 -8.75 -40.79
N GLN A 869 -48.59 -7.76 -40.63
CA GLN A 869 -48.27 -6.39 -41.05
C GLN A 869 -47.15 -5.81 -40.21
N LEU A 870 -47.11 -6.14 -38.91
CA LEU A 870 -46.08 -5.61 -38.04
C LEU A 870 -44.73 -6.24 -38.35
N THR A 871 -44.70 -7.54 -38.68
CA THR A 871 -43.45 -8.18 -39.06
C THR A 871 -43.01 -7.74 -40.45
N HIS A 872 -43.95 -7.45 -41.34
CA HIS A 872 -43.65 -6.99 -42.70
C HIS A 872 -43.89 -5.50 -42.86
N PHE A 873 -43.64 -4.72 -41.81
CA PHE A 873 -43.89 -3.28 -41.85
C PHE A 873 -43.01 -2.56 -42.86
N MET A 874 -41.91 -3.18 -43.28
CA MET A 874 -41.05 -2.60 -44.30
C MET A 874 -41.62 -2.74 -45.70
N GLN A 875 -42.82 -3.29 -45.85
CA GLN A 875 -43.47 -3.38 -47.14
C GLN A 875 -44.74 -2.55 -47.24
N CYS A 876 -45.09 -1.79 -46.20
CA CYS A 876 -46.20 -0.85 -46.28
C CYS A 876 -45.96 0.22 -47.34
N THR A 877 -44.69 0.52 -47.65
CA THR A 877 -44.39 1.55 -48.63
C THR A 877 -45.13 1.33 -49.95
N GLU A 878 -45.27 0.08 -50.37
CA GLU A 878 -46.07 -0.22 -51.56
C GLU A 878 -47.55 0.02 -51.36
N ASP A 879 -47.99 0.28 -50.13
CA ASP A 879 -49.42 0.35 -49.80
C ASP A 879 -50.15 -0.89 -50.28
N HIS A 880 -49.49 -2.05 -50.11
CA HIS A 880 -50.03 -3.32 -50.55
C HIS A 880 -51.47 -3.47 -50.06
N PRO A 881 -52.39 -3.95 -50.90
CA PRO A 881 -53.70 -4.40 -50.38
C PRO A 881 -53.56 -5.47 -49.33
N HIS A 882 -52.45 -6.23 -49.35
CA HIS A 882 -52.13 -7.14 -48.26
C HIS A 882 -52.11 -6.42 -46.92
N PHE A 883 -51.60 -5.18 -46.89
CA PHE A 883 -51.65 -4.34 -45.70
C PHE A 883 -52.86 -3.44 -45.81
N GLU A 884 -53.84 -3.64 -44.93
CA GLU A 884 -55.02 -2.80 -44.90
C GLU A 884 -54.60 -1.33 -44.88
N GLY A 885 -55.31 -0.52 -45.66
CA GLY A 885 -55.01 0.89 -45.84
C GLY A 885 -54.71 1.65 -44.56
N LEU A 886 -53.48 2.13 -44.43
CA LEU A 886 -53.05 2.84 -43.25
C LEU A 886 -51.81 3.66 -43.59
N ASP A 887 -51.60 4.73 -42.83
CA ASP A 887 -50.36 5.49 -42.95
C ASP A 887 -49.20 4.64 -42.47
N CYS A 888 -48.17 4.49 -43.31
CA CYS A 888 -47.02 3.67 -42.94
C CYS A 888 -46.21 4.31 -41.84
N GLU A 889 -46.25 5.65 -41.73
CA GLU A 889 -45.53 6.36 -40.68
C GLU A 889 -45.92 5.90 -39.29
N ILE A 890 -47.07 5.24 -39.13
CA ILE A 890 -47.47 4.72 -37.83
C ILE A 890 -46.44 3.73 -37.31
N PHE A 891 -45.74 3.02 -38.20
CA PHE A 891 -44.66 2.15 -37.79
C PHE A 891 -43.43 2.90 -37.30
N GLU A 892 -43.44 4.24 -37.37
CA GLU A 892 -42.39 5.07 -36.82
C GLU A 892 -42.95 6.00 -35.75
N ALA A 893 -44.00 5.55 -35.05
CA ALA A 893 -44.66 6.41 -34.08
C ALA A 893 -43.84 6.46 -32.79
N PRO A 894 -43.90 7.57 -32.05
CA PRO A 894 -43.09 7.70 -30.84
C PRO A 894 -43.71 7.01 -29.63
N GLU A 895 -45.04 6.91 -29.59
CA GLU A 895 -45.72 6.31 -28.45
C GLU A 895 -45.34 4.85 -28.20
N PRO A 896 -45.24 3.97 -29.20
CA PRO A 896 -44.86 2.58 -28.90
C PRO A 896 -43.49 2.45 -28.28
N MET A 897 -42.56 3.34 -28.63
CA MET A 897 -41.24 3.35 -28.01
C MET A 897 -41.26 3.89 -26.59
N THR A 898 -42.28 4.67 -26.22
CA THR A 898 -42.42 5.10 -24.83
C THR A 898 -42.96 3.98 -23.95
N MET A 899 -43.82 3.11 -24.50
CA MET A 899 -44.26 1.95 -23.74
C MET A 899 -43.10 1.02 -23.44
N ALA A 900 -42.22 0.81 -24.41
CA ALA A 900 -41.07 -0.07 -24.20
C ALA A 900 -40.05 0.57 -23.26
N LEU A 901 -39.83 1.88 -23.39
CA LEU A 901 -38.86 2.56 -22.54
C LEU A 901 -39.37 2.69 -21.12
N SER A 902 -40.64 3.07 -20.94
CA SER A 902 -41.18 3.17 -19.59
C SER A 902 -41.27 1.81 -18.92
N VAL A 903 -41.40 0.73 -19.69
CA VAL A 903 -41.34 -0.60 -19.11
C VAL A 903 -39.93 -0.91 -18.64
N LEU A 904 -38.93 -0.61 -19.48
CA LEU A 904 -37.54 -0.84 -19.09
C LEU A 904 -37.15 -0.02 -17.87
N VAL A 905 -37.56 1.25 -17.85
CA VAL A 905 -37.23 2.12 -16.72
C VAL A 905 -37.87 1.60 -15.44
N THR A 906 -39.15 1.25 -15.49
CA THR A 906 -39.84 0.79 -14.29
C THR A 906 -39.31 -0.56 -13.84
N ILE A 907 -38.95 -1.44 -14.79
CA ILE A 907 -38.40 -2.74 -14.41
C ILE A 907 -37.05 -2.56 -13.71
N GLU A 908 -36.21 -1.67 -14.23
CA GLU A 908 -34.91 -1.45 -13.62
C GLU A 908 -35.03 -0.82 -12.24
N MET A 909 -36.04 0.02 -12.02
CA MET A 909 -36.30 0.49 -10.66
C MET A 909 -36.71 -0.66 -9.76
N CYS A 910 -37.49 -1.61 -10.30
CA CYS A 910 -37.86 -2.79 -9.52
C CYS A 910 -36.67 -3.72 -9.35
N ASN A 911 -35.89 -3.91 -10.41
CA ASN A 911 -34.72 -4.76 -10.33
C ASN A 911 -33.66 -4.20 -9.39
N ALA A 912 -33.64 -2.87 -9.18
CA ALA A 912 -32.72 -2.29 -8.22
C ALA A 912 -33.04 -2.72 -6.80
N LEU A 913 -34.32 -2.88 -6.48
CA LEU A 913 -34.69 -3.36 -5.14
C LEU A 913 -34.31 -4.83 -4.98
N ASN A 914 -34.47 -5.63 -6.03
CA ASN A 914 -34.05 -7.04 -5.97
C ASN A 914 -32.55 -7.18 -5.80
N SER A 915 -31.79 -6.12 -6.11
CA SER A 915 -30.35 -6.13 -6.00
C SER A 915 -29.85 -5.68 -4.63
N LEU A 916 -30.76 -5.27 -3.73
CA LEU A 916 -30.34 -4.93 -2.37
C LEU A 916 -29.75 -6.13 -1.65
N SER A 917 -30.23 -7.33 -1.95
CA SER A 917 -29.71 -8.55 -1.38
C SER A 917 -29.60 -9.61 -2.47
N GLU A 918 -28.57 -10.45 -2.37
CA GLU A 918 -28.38 -11.49 -3.37
C GLU A 918 -29.43 -12.58 -3.26
N ASN A 919 -29.74 -13.02 -2.05
CA ASN A 919 -30.69 -14.11 -1.84
C ASN A 919 -31.77 -13.81 -0.80
N GLN A 920 -31.57 -12.86 0.11
CA GLN A 920 -32.57 -12.60 1.13
C GLN A 920 -33.78 -11.88 0.53
N SER A 921 -34.97 -12.33 0.89
CA SER A 921 -36.20 -11.78 0.35
C SER A 921 -36.38 -10.33 0.78
N LEU A 922 -37.15 -9.59 -0.02
CA LEU A 922 -37.48 -8.21 0.33
C LEU A 922 -38.41 -8.12 1.51
N MET A 923 -39.10 -9.21 1.85
CA MET A 923 -39.93 -9.22 3.05
C MET A 923 -39.07 -9.20 4.31
N ARG A 924 -37.97 -9.98 4.29
CA ARG A 924 -37.04 -9.99 5.41
C ARG A 924 -36.21 -8.71 5.45
N MET A 925 -35.55 -8.38 4.33
CA MET A 925 -34.79 -7.14 4.21
C MET A 925 -35.56 -6.14 3.37
N PRO A 926 -36.30 -5.22 3.99
CA PRO A 926 -37.21 -4.35 3.21
C PRO A 926 -36.42 -3.33 2.41
N PRO A 927 -37.05 -2.72 1.40
CA PRO A 927 -36.34 -1.71 0.59
C PRO A 927 -35.95 -0.47 1.37
N TRP A 928 -36.65 -0.12 2.45
CA TRP A 928 -36.31 1.07 3.21
C TRP A 928 -35.07 0.91 4.07
N VAL A 929 -34.34 -0.20 3.92
CA VAL A 929 -33.04 -0.33 4.57
C VAL A 929 -32.06 0.67 4.00
N ASN A 930 -32.05 0.83 2.68
CA ASN A 930 -31.19 1.80 2.00
C ASN A 930 -32.05 3.02 1.66
N ILE A 931 -31.90 4.08 2.45
CA ILE A 931 -32.67 5.30 2.19
C ILE A 931 -32.19 5.98 0.91
N TRP A 932 -30.90 5.88 0.60
CA TRP A 932 -30.37 6.50 -0.62
C TRP A 932 -30.95 5.85 -1.87
N LEU A 933 -31.32 4.57 -1.80
CA LEU A 933 -31.86 3.89 -2.98
C LEU A 933 -33.27 4.37 -3.29
N LEU A 934 -34.09 4.56 -2.27
CA LEU A 934 -35.44 5.07 -2.49
C LEU A 934 -35.39 6.48 -3.07
N GLY A 935 -34.46 7.31 -2.59
CA GLY A 935 -34.33 8.66 -3.12
C GLY A 935 -33.78 8.71 -4.53
N SER A 936 -32.97 7.70 -4.90
CA SER A 936 -32.44 7.65 -6.26
C SER A 936 -33.51 7.22 -7.26
N ILE A 937 -34.40 6.31 -6.86
CA ILE A 937 -35.48 5.87 -7.74
C ILE A 937 -36.42 7.03 -8.03
N CYS A 938 -36.70 7.87 -7.03
CA CYS A 938 -37.57 9.01 -7.24
C CYS A 938 -36.94 9.99 -8.22
N LEU A 939 -35.63 10.19 -8.15
CA LEU A 939 -34.97 11.12 -9.06
C LEU A 939 -34.91 10.53 -10.47
N SER A 940 -34.58 9.25 -10.59
CA SER A 940 -34.56 8.61 -11.91
C SER A 940 -35.94 8.63 -12.55
N MET A 941 -36.99 8.41 -11.75
CA MET A 941 -38.34 8.52 -12.29
C MET A 941 -38.70 9.96 -12.59
N SER A 942 -38.27 10.90 -11.74
CA SER A 942 -38.50 12.31 -12.01
C SER A 942 -37.78 12.75 -13.28
N LEU A 943 -36.62 12.16 -13.58
CA LEU A 943 -35.92 12.45 -14.82
C LEU A 943 -36.55 11.75 -16.02
N HIS A 944 -37.36 10.72 -15.79
CA HIS A 944 -38.04 10.07 -16.90
C HIS A 944 -39.17 10.94 -17.44
N PHE A 945 -39.89 11.64 -16.54
CA PHE A 945 -40.90 12.59 -16.99
C PHE A 945 -40.29 13.84 -17.58
N LEU A 946 -39.03 14.14 -17.25
CA LEU A 946 -38.37 15.31 -17.83
C LEU A 946 -38.19 15.15 -19.34
N ILE A 947 -37.75 13.96 -19.78
CA ILE A 947 -37.56 13.71 -21.21
C ILE A 947 -38.87 13.40 -21.92
N LEU A 948 -39.99 13.36 -21.20
CA LEU A 948 -41.29 13.08 -21.80
C LEU A 948 -42.16 14.31 -21.96
N TYR A 949 -41.92 15.38 -21.21
CA TYR A 949 -42.81 16.53 -21.20
C TYR A 949 -42.13 17.84 -21.55
N VAL A 950 -40.93 18.11 -21.05
CA VAL A 950 -40.23 19.34 -21.39
C VAL A 950 -39.88 19.28 -22.88
N ASP A 951 -40.51 20.15 -23.65
CA ASP A 951 -40.65 19.95 -25.10
C ASP A 951 -39.37 19.64 -25.87
N PRO A 952 -38.21 20.26 -25.59
CA PRO A 952 -37.03 19.96 -26.44
C PRO A 952 -36.61 18.50 -26.44
N LEU A 953 -36.92 17.75 -25.37
CA LEU A 953 -36.37 16.42 -25.18
C LEU A 953 -37.15 15.29 -25.87
N PRO A 954 -38.49 15.29 -25.85
CA PRO A 954 -39.21 14.21 -26.53
C PRO A 954 -38.90 14.09 -28.01
N MET A 955 -38.62 15.21 -28.69
CA MET A 955 -38.23 15.14 -30.08
C MET A 955 -36.89 14.44 -30.25
N ILE A 956 -35.96 14.69 -29.33
CA ILE A 956 -34.63 14.09 -29.41
C ILE A 956 -34.70 12.60 -29.13
N PHE A 957 -35.39 12.21 -28.05
CA PHE A 957 -35.48 10.81 -27.66
C PHE A 957 -36.56 10.05 -28.40
N LYS A 958 -37.25 10.69 -29.36
CA LYS A 958 -38.34 10.06 -30.10
C LYS A 958 -39.42 9.51 -29.16
N LEU A 959 -39.88 10.37 -28.27
CA LEU A 959 -40.85 9.98 -27.25
C LEU A 959 -42.05 10.91 -27.27
N LYS A 960 -43.19 10.39 -26.83
CA LYS A 960 -44.39 11.19 -26.61
C LYS A 960 -45.02 10.76 -25.29
N ALA A 961 -45.46 11.73 -24.50
CA ALA A 961 -45.90 11.47 -23.14
C ALA A 961 -47.06 10.49 -23.12
N LEU A 962 -47.10 9.68 -22.06
CA LEU A 962 -48.17 8.72 -21.85
C LEU A 962 -49.29 9.34 -21.01
N ASP A 963 -50.38 8.60 -20.86
CA ASP A 963 -51.54 9.04 -20.10
C ASP A 963 -51.69 8.19 -18.85
N LEU A 964 -52.69 8.55 -18.04
CA LEU A 964 -52.97 7.79 -16.80
C LEU A 964 -53.41 6.37 -17.10
N THR A 965 -53.81 6.07 -18.33
CA THR A 965 -54.21 4.72 -18.70
C THR A 965 -53.04 3.92 -19.26
N GLN A 966 -52.22 4.54 -20.11
CA GLN A 966 -51.09 3.84 -20.70
C GLN A 966 -50.03 3.50 -19.65
N TRP A 967 -49.91 4.32 -18.60
CA TRP A 967 -48.96 4.03 -17.54
C TRP A 967 -49.38 2.79 -16.75
N LEU A 968 -50.69 2.60 -16.54
CA LEU A 968 -51.16 1.43 -15.83
C LEU A 968 -50.85 0.14 -16.58
N MET A 969 -50.69 0.21 -17.90
CA MET A 969 -50.26 -0.96 -18.66
C MET A 969 -48.77 -1.22 -18.47
N VAL A 970 -47.98 -0.16 -18.27
CA VAL A 970 -46.56 -0.34 -17.96
C VAL A 970 -46.39 -1.07 -16.63
N LEU A 971 -47.15 -0.66 -15.61
CA LEU A 971 -47.05 -1.30 -14.31
C LEU A 971 -47.59 -2.73 -14.33
N LYS A 972 -48.50 -3.04 -15.24
CA LYS A 972 -49.01 -4.40 -15.35
C LYS A 972 -47.91 -5.37 -15.75
N ILE A 973 -47.01 -4.94 -16.61
CA ILE A 973 -45.97 -5.83 -17.12
C ILE A 973 -44.67 -5.72 -16.33
N SER A 974 -44.40 -4.57 -15.73
CA SER A 974 -43.14 -4.32 -15.05
C SER A 974 -43.10 -4.87 -13.62
N LEU A 975 -44.16 -4.67 -12.85
CA LEU A 975 -44.13 -5.07 -11.44
C LEU A 975 -43.92 -6.56 -11.20
N PRO A 976 -44.40 -7.51 -12.05
CA PRO A 976 -44.13 -8.93 -11.78
C PRO A 976 -42.65 -9.31 -11.78
N VAL A 977 -41.77 -8.37 -12.11
CA VAL A 977 -40.33 -8.65 -12.01
C VAL A 977 -39.95 -8.94 -10.57
N ILE A 978 -40.50 -8.16 -9.63
CA ILE A 978 -40.23 -8.39 -8.21
C ILE A 978 -40.69 -9.78 -7.79
N GLY A 979 -41.88 -10.19 -8.27
CA GLY A 979 -42.38 -11.50 -7.92
C GLY A 979 -41.60 -12.64 -8.55
N LEU A 980 -41.00 -12.38 -9.71
CA LEU A 980 -40.21 -13.41 -10.37
C LEU A 980 -38.92 -13.68 -9.61
N ASP A 981 -38.15 -12.62 -9.33
CA ASP A 981 -36.87 -12.79 -8.65
C ASP A 981 -37.05 -13.25 -7.22
N GLU A 982 -38.17 -12.89 -6.58
CA GLU A 982 -38.44 -13.37 -5.24
C GLU A 982 -38.57 -14.89 -5.19
N ILE A 983 -39.21 -15.47 -6.21
CA ILE A 983 -39.30 -16.93 -6.29
C ILE A 983 -37.93 -17.53 -6.54
N LEU A 984 -37.09 -16.86 -7.34
CA LEU A 984 -35.74 -17.34 -7.57
C LEU A 984 -34.87 -17.19 -6.33
N LYS A 985 -35.17 -16.21 -5.48
CA LYS A 985 -34.49 -16.12 -4.19
C LYS A 985 -34.97 -17.19 -3.22
N PHE A 986 -36.27 -17.50 -3.26
CA PHE A 986 -36.82 -18.55 -2.40
C PHE A 986 -36.21 -19.90 -2.73
N ILE A 987 -35.85 -20.13 -4.00
CA ILE A 987 -35.25 -21.40 -4.39
C ILE A 987 -33.84 -21.53 -3.81
N ALA A 988 -33.03 -20.49 -3.98
CA ALA A 988 -31.64 -20.57 -3.51
C ALA A 988 -31.56 -20.70 -2.00
N ARG A 989 -32.46 -20.02 -1.28
CA ARG A 989 -32.42 -20.06 0.18
C ARG A 989 -32.77 -21.44 0.70
N ASN A 990 -33.84 -22.04 0.17
CA ASN A 990 -34.39 -23.27 0.72
C ASN A 990 -34.07 -24.50 -0.10
N TYR A 991 -33.46 -24.35 -1.27
CA TYR A 991 -33.10 -25.50 -2.10
C TYR A 991 -31.76 -25.29 -2.79
#